data_1D6S
#
_entry.id   1D6S
#
_cell.length_a   96.940
_cell.length_b   149.930
_cell.length_c   53.640
_cell.angle_alpha   90.00
_cell.angle_beta   90.00
_cell.angle_gamma   90.00
#
_symmetry.space_group_name_H-M   'P 21 21 2'
#
loop_
_entity.id
_entity.type
_entity.pdbx_description
1 polymer 'O-ACETYLSERINE SULFHYDRYLASE'
2 non-polymer METHIONINE
3 non-polymer "PYRIDOXAL-5'-PHOSPHATE"
4 water water
#
_entity_poly.entity_id   1
_entity_poly.type   'polypeptide(L)'
_entity_poly.pdbx_seq_one_letter_code
;SKIYEDNSLTIGHTPLVRLNRIGNGRILAKVESRNPSFSVACRIGANMIWDAEKRGVLKPGVELVEPTNGNTGIALAYVA
AARGYKLTLTMPETMSIERRKLLKALGANLVLTEGAKGMKGAIQKAEEIVASDPQKYLLLQQFSNPANPEIHEKTTGPEI
WEDTDGQVDVFISGVGTGGTLTGVTRYIKGTKGKTDLITVAVEPTDSPVIAQALAGEEIKPGPHKIQGIGAGFIPGNLDL
KLIDKVVGITNEEAISTARRLMEEEGILAGISSGAAVAAALKLQEDESFTNKNIVVILPSSGERYLSTALFADLFTEKEL
QQ
;
_entity_poly.pdbx_strand_id   A,B
#
loop_
_chem_comp.id
_chem_comp.type
_chem_comp.name
_chem_comp.formula
PLP non-polymer PYRIDOXAL-5'-PHOSPHATE 'C8 H10 N O6 P'
#
# COMPACT_ATOMS: atom_id res chain seq x y z
N SER A 1 21.68 11.98 -4.96
CA SER A 1 20.93 12.25 -3.70
C SER A 1 19.44 12.40 -4.00
N LYS A 2 18.63 11.58 -3.31
CA LYS A 2 17.18 11.61 -3.49
C LYS A 2 16.53 11.31 -2.14
N ILE A 3 16.56 12.31 -1.26
CA ILE A 3 15.98 12.24 0.07
C ILE A 3 14.75 13.17 0.12
N TYR A 4 13.60 12.62 0.47
CA TYR A 4 12.39 13.44 0.51
C TYR A 4 12.23 14.15 1.84
N GLU A 5 11.86 15.43 1.79
CA GLU A 5 11.69 16.24 2.98
C GLU A 5 10.55 15.73 3.86
N ASP A 6 9.49 15.22 3.24
CA ASP A 6 8.37 14.60 3.96
C ASP A 6 7.61 13.68 3.00
N ASN A 7 6.78 12.79 3.57
CA ASN A 7 6.02 11.82 2.80
C ASN A 7 5.15 12.35 1.63
N SER A 8 4.55 13.53 1.78
CA SER A 8 3.70 14.07 0.72
C SER A 8 4.45 14.34 -0.58
N LEU A 9 5.78 14.45 -0.53
CA LEU A 9 6.57 14.70 -1.72
C LEU A 9 6.85 13.44 -2.57
N THR A 10 6.45 12.27 -2.07
CA THR A 10 6.67 11.03 -2.78
C THR A 10 5.47 10.55 -3.63
N ILE A 11 4.47 11.42 -3.85
CA ILE A 11 3.30 11.02 -4.64
C ILE A 11 3.61 10.71 -6.11
N GLY A 12 2.79 9.87 -6.73
CA GLY A 12 2.96 9.60 -8.15
C GLY A 12 3.95 8.58 -8.69
N HIS A 13 4.18 8.63 -9.99
CA HIS A 13 5.08 7.69 -10.68
C HIS A 13 4.62 6.25 -10.46
N THR A 14 3.31 6.04 -10.55
CA THR A 14 2.70 4.72 -10.36
C THR A 14 2.92 3.86 -11.61
N PRO A 15 2.99 2.52 -11.46
CA PRO A 15 3.21 1.62 -12.61
C PRO A 15 2.01 1.31 -13.52
N LEU A 16 2.31 1.06 -14.80
CA LEU A 16 1.33 0.70 -15.82
C LEU A 16 1.61 -0.80 -16.09
N VAL A 17 0.70 -1.67 -15.67
CA VAL A 17 0.83 -3.12 -15.81
C VAL A 17 -0.18 -3.68 -16.85
N ARG A 18 0.25 -4.61 -17.69
CA ARG A 18 -0.68 -5.18 -18.68
C ARG A 18 -1.46 -6.37 -18.09
N LEU A 19 -2.76 -6.44 -18.36
CA LEU A 19 -3.55 -7.57 -17.85
C LEU A 19 -3.41 -8.69 -18.91
N ASN A 20 -3.05 -9.89 -18.48
CA ASN A 20 -2.83 -11.00 -19.41
C ASN A 20 -3.96 -12.00 -19.50
N ARG A 21 -4.80 -12.08 -18.48
CA ARG A 21 -5.91 -13.03 -18.49
C ARG A 21 -7.29 -12.38 -18.60
N ILE A 22 -7.39 -11.10 -18.25
CA ILE A 22 -8.67 -10.42 -18.34
C ILE A 22 -8.60 -9.59 -19.62
N GLY A 23 -9.58 -9.81 -20.52
CA GLY A 23 -9.60 -9.09 -21.77
C GLY A 23 -8.64 -9.64 -22.82
N ASN A 24 -8.46 -8.87 -23.90
CA ASN A 24 -7.61 -9.32 -25.00
C ASN A 24 -6.10 -9.07 -24.93
N GLY A 25 -5.56 -8.68 -23.77
CA GLY A 25 -4.14 -8.41 -23.69
C GLY A 25 -3.81 -6.95 -24.03
N ARG A 26 -4.85 -6.16 -24.31
CA ARG A 26 -4.66 -4.74 -24.64
C ARG A 26 -5.10 -3.75 -23.53
N ILE A 27 -5.55 -4.28 -22.40
CA ILE A 27 -5.96 -3.46 -21.25
C ILE A 27 -4.72 -3.25 -20.33
N LEU A 28 -4.37 -1.97 -20.14
CA LEU A 28 -3.25 -1.54 -19.30
C LEU A 28 -3.78 -0.82 -18.04
N ALA A 29 -3.46 -1.39 -16.88
CA ALA A 29 -3.91 -0.88 -15.58
C ALA A 29 -2.89 0.03 -14.86
N LYS A 30 -3.30 1.26 -14.50
CA LYS A 30 -2.45 2.20 -13.76
C LYS A 30 -2.80 1.98 -12.28
N VAL A 31 -1.85 1.40 -11.54
CA VAL A 31 -2.03 1.03 -10.12
C VAL A 31 -1.79 2.21 -9.16
N GLU A 32 -2.87 2.93 -8.89
CA GLU A 32 -2.82 4.11 -8.03
C GLU A 32 -2.69 3.86 -6.52
N SER A 33 -2.77 2.59 -6.10
CA SER A 33 -2.58 2.23 -4.70
C SER A 33 -1.07 2.25 -4.33
N ARG A 34 -0.22 2.52 -5.33
CA ARG A 34 1.22 2.59 -5.13
C ARG A 34 1.52 4.06 -4.82
N ASN A 35 0.82 4.59 -3.83
CA ASN A 35 0.97 5.98 -3.40
C ASN A 35 1.23 6.02 -1.89
N PRO A 36 1.71 7.16 -1.33
CA PRO A 36 2.00 7.26 0.11
C PRO A 36 0.90 6.76 1.05
N SER A 37 -0.37 7.10 0.80
CA SER A 37 -1.46 6.60 1.65
C SER A 37 -2.32 5.55 0.93
N PHE A 38 -1.76 5.02 -0.16
CA PHE A 38 -2.35 3.92 -0.94
C PHE A 38 -3.63 4.08 -1.78
N SER A 39 -3.79 5.23 -2.45
CA SER A 39 -4.96 5.47 -3.30
C SER A 39 -4.67 6.64 -4.24
N VAL A 40 -5.49 6.77 -5.29
CA VAL A 40 -5.31 7.87 -6.24
C VAL A 40 -5.43 9.22 -5.50
N ALA A 41 -6.22 9.26 -4.42
CA ALA A 41 -6.45 10.50 -3.64
C ALA A 41 -5.22 11.17 -3.01
N CYS A 42 -4.14 10.42 -2.80
CA CYS A 42 -2.92 10.97 -2.24
C CYS A 42 -2.45 12.15 -3.06
N ARG A 43 -2.64 12.07 -4.37
CA ARG A 43 -2.19 13.16 -5.23
C ARG A 43 -2.89 14.47 -4.92
N ILE A 44 -4.18 14.42 -4.60
CA ILE A 44 -4.92 15.66 -4.30
C ILE A 44 -4.85 16.10 -2.84
N GLY A 45 -4.72 15.16 -1.92
CA GLY A 45 -4.58 15.49 -0.51
C GLY A 45 -3.34 16.37 -0.39
N ALA A 46 -2.31 16.00 -1.14
CA ALA A 46 -1.06 16.74 -1.14
C ALA A 46 -1.19 18.11 -1.82
N ASN A 47 -1.70 18.12 -3.05
CA ASN A 47 -1.79 19.36 -3.80
C ASN A 47 -2.80 20.42 -3.29
N MET A 48 -3.89 20.00 -2.66
CA MET A 48 -4.84 21.00 -2.14
C MET A 48 -4.21 21.75 -0.97
N ILE A 49 -3.43 21.03 -0.17
CA ILE A 49 -2.74 21.62 0.98
C ILE A 49 -1.58 22.52 0.52
N TRP A 50 -0.76 22.06 -0.43
CA TRP A 50 0.36 22.87 -0.93
C TRP A 50 -0.14 24.20 -1.53
N ASP A 51 -1.23 24.10 -2.26
CA ASP A 51 -1.86 25.23 -2.93
C ASP A 51 -2.38 26.22 -1.86
N ALA A 52 -3.09 25.69 -0.86
CA ALA A 52 -3.64 26.50 0.23
C ALA A 52 -2.49 27.24 0.95
N GLU A 53 -1.32 26.60 1.05
CA GLU A 53 -0.17 27.22 1.68
C GLU A 53 0.38 28.35 0.80
N LYS A 54 0.47 28.11 -0.50
CA LYS A 54 0.99 29.14 -1.42
C LYS A 54 0.08 30.35 -1.48
N ARG A 55 -1.21 30.12 -1.27
CA ARG A 55 -2.23 31.18 -1.29
C ARG A 55 -2.38 31.90 0.07
N GLY A 56 -1.56 31.50 1.04
CA GLY A 56 -1.58 32.11 2.35
C GLY A 56 -2.83 31.92 3.20
N VAL A 57 -3.74 31.03 2.82
CA VAL A 57 -4.96 30.85 3.62
C VAL A 57 -4.81 29.76 4.68
N LEU A 58 -3.76 28.94 4.54
CA LEU A 58 -3.53 27.88 5.53
C LEU A 58 -2.28 28.24 6.25
N LYS A 59 -2.41 28.34 7.57
CA LYS A 59 -1.31 28.68 8.46
C LYS A 59 -1.63 28.00 9.78
N PRO A 60 -0.61 27.80 10.63
CA PRO A 60 -0.86 27.16 11.94
C PRO A 60 -1.91 27.96 12.72
N GLY A 61 -2.92 27.24 13.21
CA GLY A 61 -4.01 27.88 13.93
C GLY A 61 -5.31 27.54 13.20
N VAL A 62 -5.24 27.47 11.87
CA VAL A 62 -6.37 27.14 11.00
C VAL A 62 -6.57 25.62 10.95
N GLU A 63 -7.75 25.15 11.30
CA GLU A 63 -8.04 23.72 11.24
C GLU A 63 -8.76 23.43 9.93
N LEU A 64 -8.51 22.25 9.36
CA LEU A 64 -9.15 21.86 8.10
C LEU A 64 -10.37 20.96 8.33
N VAL A 65 -11.40 21.18 7.52
CA VAL A 65 -12.62 20.36 7.60
C VAL A 65 -12.92 19.94 6.15
N GLU A 66 -13.33 18.69 5.96
CA GLU A 66 -13.60 18.20 4.60
C GLU A 66 -14.54 16.99 4.51
N PRO A 67 -15.41 16.98 3.47
CA PRO A 67 -16.38 15.90 3.18
C PRO A 67 -15.65 14.83 2.31
N THR A 68 -15.84 13.54 2.61
CA THR A 68 -15.14 12.50 1.85
C THR A 68 -15.76 11.10 1.95
N ASN A 69 -15.34 10.24 1.01
CA ASN A 69 -15.80 8.85 0.95
C ASN A 69 -14.81 8.02 1.80
N GLY A 70 -13.62 8.59 2.02
CA GLY A 70 -12.66 7.88 2.83
C GLY A 70 -11.23 8.11 2.39
N ASN A 71 -10.94 7.88 1.11
CA ASN A 71 -9.58 8.03 0.61
C ASN A 71 -9.04 9.44 0.58
N THR A 72 -9.88 10.43 0.30
CA THR A 72 -9.38 11.81 0.31
C THR A 72 -9.10 12.22 1.76
N GLY A 73 -9.90 11.69 2.69
CA GLY A 73 -9.73 12.00 4.11
C GLY A 73 -8.39 11.48 4.58
N ILE A 74 -8.15 10.19 4.31
CA ILE A 74 -6.88 9.54 4.66
C ILE A 74 -5.71 10.24 3.97
N ALA A 75 -5.94 10.78 2.77
CA ALA A 75 -4.88 11.51 2.06
C ALA A 75 -4.53 12.82 2.76
N LEU A 76 -5.55 13.58 3.16
CA LEU A 76 -5.33 14.84 3.86
C LEU A 76 -4.73 14.60 5.28
N ALA A 77 -5.20 13.53 5.95
CA ALA A 77 -4.71 13.16 7.26
C ALA A 77 -3.18 12.92 7.29
N TYR A 78 -2.63 12.18 6.33
CA TYR A 78 -1.16 11.94 6.35
C TYR A 78 -0.37 13.21 6.08
N VAL A 79 -0.89 14.08 5.20
CA VAL A 79 -0.16 15.32 4.89
C VAL A 79 -0.24 16.27 6.09
N ALA A 80 -1.40 16.28 6.74
CA ALA A 80 -1.61 17.13 7.89
C ALA A 80 -0.66 16.73 9.02
N ALA A 81 -0.64 15.44 9.36
CA ALA A 81 0.27 14.91 10.39
C ALA A 81 1.72 15.28 10.11
N ALA A 82 2.14 15.17 8.85
CA ALA A 82 3.50 15.48 8.47
C ALA A 82 3.85 16.96 8.55
N ARG A 83 2.87 17.84 8.31
CA ARG A 83 3.12 19.29 8.33
C ARG A 83 2.50 20.04 9.50
N GLY A 84 2.00 19.30 10.48
CA GLY A 84 1.44 19.86 11.69
C GLY A 84 0.13 20.63 11.67
N TYR A 85 -0.90 20.08 11.02
CA TYR A 85 -2.22 20.72 10.96
C TYR A 85 -3.29 19.85 11.62
N LYS A 86 -4.33 20.49 12.13
CA LYS A 86 -5.43 19.78 12.75
C LYS A 86 -6.44 19.52 11.65
N LEU A 87 -7.16 18.42 11.74
CA LEU A 87 -8.11 18.10 10.70
C LEU A 87 -9.37 17.37 11.17
N THR A 88 -10.49 17.75 10.59
CA THR A 88 -11.78 17.12 10.88
C THR A 88 -12.44 16.67 9.56
N LEU A 89 -13.01 15.47 9.59
CA LEU A 89 -13.62 14.91 8.39
C LEU A 89 -15.04 14.52 8.62
N THR A 90 -15.82 14.65 7.56
CA THR A 90 -17.24 14.30 7.57
C THR A 90 -17.37 13.24 6.47
N MET A 91 -17.85 12.06 6.86
CA MET A 91 -17.96 10.91 5.95
C MET A 91 -19.21 10.09 6.23
N PRO A 92 -19.86 9.55 5.16
CA PRO A 92 -21.07 8.73 5.37
C PRO A 92 -20.75 7.43 6.16
N GLU A 93 -21.68 7.03 7.03
CA GLU A 93 -21.54 5.81 7.84
C GLU A 93 -21.53 4.52 7.00
N THR A 94 -21.67 4.69 5.70
CA THR A 94 -21.70 3.60 4.72
C THR A 94 -20.30 3.10 4.28
N MET A 95 -19.32 4.00 4.27
CA MET A 95 -17.97 3.66 3.86
C MET A 95 -17.34 2.62 4.80
N SER A 96 -16.38 1.85 4.27
CA SER A 96 -15.75 0.78 5.05
C SER A 96 -15.16 1.25 6.38
N ILE A 97 -15.26 0.40 7.40
CA ILE A 97 -14.74 0.74 8.71
C ILE A 97 -13.22 0.94 8.75
N GLU A 98 -12.50 0.32 7.82
CA GLU A 98 -11.05 0.50 7.79
C GLU A 98 -10.71 1.96 7.46
N ARG A 99 -11.58 2.67 6.73
CA ARG A 99 -11.34 4.08 6.44
C ARG A 99 -11.44 4.84 7.77
N ARG A 100 -12.36 4.42 8.64
CA ARG A 100 -12.53 5.03 9.96
C ARG A 100 -11.29 4.83 10.83
N LYS A 101 -10.93 3.57 11.06
CA LYS A 101 -9.76 3.21 11.84
C LYS A 101 -8.45 3.93 11.43
N LEU A 102 -8.22 4.03 10.12
CA LEU A 102 -7.03 4.70 9.59
C LEU A 102 -7.00 6.21 9.86
N LEU A 103 -8.16 6.85 9.90
CA LEU A 103 -8.25 8.28 10.16
C LEU A 103 -7.87 8.57 11.62
N LYS A 104 -8.26 7.66 12.50
CA LYS A 104 -7.98 7.73 13.93
C LYS A 104 -6.46 7.59 14.16
N ALA A 105 -5.89 6.55 13.55
CA ALA A 105 -4.46 6.25 13.62
C ALA A 105 -3.55 7.43 13.21
N LEU A 106 -3.99 8.23 12.25
CA LEU A 106 -3.21 9.37 11.79
C LEU A 106 -3.52 10.66 12.57
N GLY A 107 -4.38 10.57 13.58
CA GLY A 107 -4.71 11.73 14.40
C GLY A 107 -5.76 12.73 13.91
N ALA A 108 -6.74 12.26 13.14
CA ALA A 108 -7.79 13.15 12.64
C ALA A 108 -9.13 12.91 13.33
N ASN A 109 -10.01 13.93 13.30
CA ASN A 109 -11.33 13.82 13.90
C ASN A 109 -12.33 13.40 12.83
N LEU A 110 -13.23 12.48 13.19
CA LEU A 110 -14.22 11.98 12.25
C LEU A 110 -15.66 12.24 12.73
N VAL A 111 -16.50 12.69 11.81
CA VAL A 111 -17.92 12.95 12.08
C VAL A 111 -18.72 12.15 11.05
N LEU A 112 -19.39 11.11 11.53
CA LEU A 112 -20.21 10.25 10.69
C LEU A 112 -21.55 10.90 10.34
N THR A 113 -21.90 10.87 9.07
CA THR A 113 -23.16 11.43 8.59
C THR A 113 -24.10 10.30 8.19
N GLU A 114 -25.40 10.60 8.14
CA GLU A 114 -26.42 9.61 7.83
C GLU A 114 -26.21 8.91 6.48
N GLY A 115 -26.19 7.58 6.51
CA GLY A 115 -25.99 6.79 5.30
C GLY A 115 -26.97 7.13 4.19
N ALA A 116 -28.24 7.25 4.56
CA ALA A 116 -29.32 7.58 3.63
C ALA A 116 -29.10 8.90 2.87
N LYS A 117 -28.30 9.81 3.40
CA LYS A 117 -28.04 11.08 2.73
C LYS A 117 -26.81 11.12 1.81
N GLY A 118 -26.04 10.03 1.77
CA GLY A 118 -24.85 9.95 0.91
C GLY A 118 -23.81 11.06 1.02
N MET A 119 -23.23 11.46 -0.13
CA MET A 119 -22.21 12.52 -0.16
C MET A 119 -22.75 13.93 0.02
N LYS A 120 -24.05 14.11 -0.23
CA LYS A 120 -24.68 15.42 -0.02
C LYS A 120 -24.79 15.63 1.48
N GLY A 121 -25.11 14.56 2.22
CA GLY A 121 -25.22 14.61 3.67
C GLY A 121 -23.91 14.97 4.37
N ALA A 122 -22.79 14.49 3.82
CA ALA A 122 -21.47 14.79 4.34
C ALA A 122 -21.04 16.20 3.95
N ILE A 123 -21.44 16.65 2.76
CA ILE A 123 -21.08 18.01 2.33
C ILE A 123 -21.81 19.07 3.18
N GLN A 124 -23.04 18.77 3.59
CA GLN A 124 -23.83 19.68 4.43
C GLN A 124 -23.17 19.87 5.80
N LYS A 125 -22.86 18.76 6.46
CA LYS A 125 -22.21 18.79 7.78
C LYS A 125 -20.92 19.59 7.76
N ALA A 126 -20.15 19.45 6.69
CA ALA A 126 -18.89 20.16 6.58
C ALA A 126 -19.12 21.65 6.54
N GLU A 127 -20.16 22.09 5.81
CA GLU A 127 -20.48 23.51 5.70
C GLU A 127 -21.03 24.11 7.00
N GLU A 128 -21.78 23.30 7.75
CA GLU A 128 -22.33 23.73 9.04
C GLU A 128 -21.19 24.03 10.00
N ILE A 129 -20.25 23.09 10.08
CA ILE A 129 -19.08 23.22 10.95
C ILE A 129 -18.24 24.46 10.64
N VAL A 130 -17.89 24.67 9.38
CA VAL A 130 -17.07 25.84 9.01
C VAL A 130 -17.82 27.16 9.33
N ALA A 131 -19.15 27.10 9.28
CA ALA A 131 -19.98 28.28 9.57
C ALA A 131 -19.90 28.67 11.06
N SER A 132 -19.73 27.67 11.93
CA SER A 132 -19.62 27.90 13.38
C SER A 132 -18.49 28.84 13.77
N ASP A 133 -17.46 28.91 12.95
CA ASP A 133 -16.33 29.77 13.25
C ASP A 133 -15.49 29.87 11.98
N PRO A 134 -15.91 30.71 11.04
CA PRO A 134 -15.26 30.96 9.75
C PRO A 134 -13.83 31.47 9.89
N GLN A 135 -13.41 31.75 11.12
CA GLN A 135 -12.06 32.24 11.39
C GLN A 135 -11.13 31.06 11.58
N LYS A 136 -11.64 30.08 12.30
CA LYS A 136 -10.92 28.87 12.67
C LYS A 136 -10.80 27.83 11.56
N TYR A 137 -11.93 27.57 10.91
CA TYR A 137 -12.01 26.55 9.88
C TYR A 137 -11.78 26.95 8.41
N LEU A 138 -11.14 26.03 7.67
CA LEU A 138 -10.85 26.16 6.23
C LEU A 138 -11.40 24.88 5.56
N LEU A 139 -12.27 25.08 4.57
CA LEU A 139 -12.87 23.96 3.81
C LEU A 139 -12.27 24.01 2.41
N LEU A 140 -11.42 23.02 2.10
CA LEU A 140 -10.74 22.95 0.81
C LEU A 140 -11.69 22.63 -0.35
N GLN A 141 -12.66 21.74 -0.11
CA GLN A 141 -13.68 21.36 -1.10
C GLN A 141 -13.16 20.69 -2.41
N GLN A 142 -12.95 19.37 -2.31
CA GLN A 142 -12.42 18.57 -3.41
C GLN A 142 -13.36 18.50 -4.63
N PHE A 143 -14.65 18.72 -4.41
CA PHE A 143 -15.59 18.66 -5.51
C PHE A 143 -15.53 19.86 -6.45
N SER A 144 -14.90 20.94 -6.03
CA SER A 144 -14.83 22.10 -6.91
C SER A 144 -13.50 22.83 -6.89
N ASN A 145 -12.62 22.43 -5.97
CA ASN A 145 -11.31 23.07 -5.86
C ASN A 145 -10.47 22.73 -7.10
N PRO A 146 -10.03 23.75 -7.86
CA PRO A 146 -9.23 23.61 -9.08
C PRO A 146 -7.91 22.84 -8.91
N ALA A 147 -7.37 22.85 -7.70
CA ALA A 147 -6.11 22.17 -7.36
C ALA A 147 -6.22 20.65 -7.49
N ASN A 148 -7.45 20.13 -7.45
CA ASN A 148 -7.71 18.71 -7.61
C ASN A 148 -7.35 18.32 -9.09
N PRO A 149 -8.14 18.78 -10.10
CA PRO A 149 -7.73 18.38 -11.46
C PRO A 149 -6.34 18.88 -11.90
N GLU A 150 -5.84 19.96 -11.30
CA GLU A 150 -4.53 20.46 -11.67
C GLU A 150 -3.39 19.48 -11.40
N ILE A 151 -3.49 18.69 -10.34
CA ILE A 151 -2.40 17.74 -10.06
C ILE A 151 -2.42 16.59 -11.07
N HIS A 152 -3.63 16.20 -11.49
CA HIS A 152 -3.80 15.14 -12.47
C HIS A 152 -3.31 15.56 -13.85
N GLU A 153 -3.45 16.83 -14.16
CA GLU A 153 -2.99 17.38 -15.43
C GLU A 153 -1.47 17.50 -15.44
N LYS A 154 -0.87 17.67 -14.27
CA LYS A 154 0.58 17.82 -14.15
C LYS A 154 1.38 16.54 -13.90
N THR A 155 0.75 15.52 -13.29
CA THR A 155 1.41 14.26 -13.00
C THR A 155 0.75 13.03 -13.68
N THR A 156 -0.46 12.66 -13.24
CA THR A 156 -1.16 11.49 -13.81
C THR A 156 -1.19 11.46 -15.36
N GLY A 157 -1.51 12.59 -15.97
CA GLY A 157 -1.56 12.68 -17.43
C GLY A 157 -0.22 12.46 -18.11
N PRO A 158 0.83 13.24 -17.73
CA PRO A 158 2.17 13.08 -18.33
C PRO A 158 2.74 11.66 -18.17
N GLU A 159 2.45 11.00 -17.03
CA GLU A 159 2.91 9.64 -16.75
C GLU A 159 2.32 8.64 -17.76
N ILE A 160 1.01 8.74 -17.95
CA ILE A 160 0.27 7.91 -18.90
C ILE A 160 0.80 8.10 -20.31
N TRP A 161 0.99 9.36 -20.72
CA TRP A 161 1.52 9.68 -22.03
C TRP A 161 2.94 9.15 -22.28
N GLU A 162 3.86 9.40 -21.36
CA GLU A 162 5.23 8.95 -21.51
C GLU A 162 5.38 7.45 -21.48
N ASP A 163 4.74 6.80 -20.50
CA ASP A 163 4.83 5.35 -20.37
C ASP A 163 4.33 4.54 -21.57
N THR A 164 3.40 5.10 -22.34
CA THR A 164 2.86 4.42 -23.53
C THR A 164 3.42 5.00 -24.83
N ASP A 165 4.34 5.95 -24.74
CA ASP A 165 4.89 6.60 -25.93
C ASP A 165 3.82 7.18 -26.82
N GLY A 166 2.73 7.67 -26.21
CA GLY A 166 1.65 8.27 -26.97
C GLY A 166 0.69 7.29 -27.63
N GLN A 167 0.79 6.01 -27.31
CA GLN A 167 -0.06 4.97 -27.90
C GLN A 167 -1.35 4.66 -27.15
N VAL A 168 -1.80 5.57 -26.30
CA VAL A 168 -3.03 5.35 -25.56
C VAL A 168 -4.18 5.70 -26.52
N ASP A 169 -5.15 4.80 -26.67
CA ASP A 169 -6.29 5.06 -27.57
C ASP A 169 -7.58 5.38 -26.80
N VAL A 170 -7.79 4.69 -25.67
CA VAL A 170 -8.97 4.87 -24.82
C VAL A 170 -8.49 5.10 -23.37
N PHE A 171 -9.15 6.00 -22.64
CA PHE A 171 -8.84 6.29 -21.22
C PHE A 171 -10.14 6.06 -20.43
N ILE A 172 -10.11 5.15 -19.46
CA ILE A 172 -11.29 4.82 -18.64
C ILE A 172 -11.08 5.23 -17.17
N SER A 173 -12.02 6.00 -16.61
CA SER A 173 -11.94 6.49 -15.23
C SER A 173 -13.28 6.53 -14.48
N GLY A 174 -13.40 5.82 -13.36
CA GLY A 174 -14.63 5.88 -12.57
C GLY A 174 -14.70 7.29 -11.97
N VAL A 175 -15.86 7.95 -12.03
CA VAL A 175 -16.02 9.34 -11.53
C VAL A 175 -16.56 9.50 -10.10
N GLY A 176 -15.81 10.26 -9.29
CA GLY A 176 -16.16 10.57 -7.90
C GLY A 176 -16.33 12.08 -7.90
N THR A 177 -15.21 12.81 -7.94
CA THR A 177 -15.22 14.29 -8.02
C THR A 177 -15.03 14.71 -9.49
N GLY A 178 -14.52 13.77 -10.28
CA GLY A 178 -14.22 14.01 -11.69
C GLY A 178 -12.81 14.56 -11.94
N GLY A 179 -12.01 14.74 -10.89
CA GLY A 179 -10.67 15.29 -11.06
C GLY A 179 -9.73 14.47 -11.93
N THR A 180 -9.72 13.15 -11.74
CA THR A 180 -8.82 12.29 -12.52
C THR A 180 -9.13 12.39 -14.01
N LEU A 181 -10.42 12.20 -14.35
CA LEU A 181 -10.87 12.25 -15.74
C LEU A 181 -10.59 13.62 -16.39
N THR A 182 -10.96 14.70 -15.73
CA THR A 182 -10.78 16.05 -16.27
C THR A 182 -9.32 16.44 -16.49
N GLY A 183 -8.48 16.18 -15.50
CA GLY A 183 -7.08 16.54 -15.59
C GLY A 183 -6.28 15.77 -16.62
N VAL A 184 -6.44 14.45 -16.62
CA VAL A 184 -5.75 13.58 -17.57
C VAL A 184 -6.18 13.94 -19.01
N THR A 185 -7.48 14.09 -19.25
CA THR A 185 -7.99 14.44 -20.59
C THR A 185 -7.51 15.81 -21.07
N ARG A 186 -7.42 16.79 -20.18
CA ARG A 186 -6.94 18.10 -20.58
C ARG A 186 -5.51 18.01 -21.07
N TYR A 187 -4.71 17.19 -20.38
CA TYR A 187 -3.33 17.02 -20.79
C TYR A 187 -3.20 16.33 -22.18
N ILE A 188 -3.85 15.18 -22.33
CA ILE A 188 -3.77 14.42 -23.57
C ILE A 188 -4.49 15.03 -24.79
N LYS A 189 -5.76 15.42 -24.65
CA LYS A 189 -6.50 16.06 -25.78
C LYS A 189 -6.10 17.51 -26.01
N GLY A 190 -5.82 18.23 -24.92
CA GLY A 190 -5.47 19.63 -25.02
C GLY A 190 -4.00 19.94 -25.19
N THR A 191 -3.21 19.69 -24.16
CA THR A 191 -1.77 19.96 -24.25
C THR A 191 -1.08 19.14 -25.35
N LYS A 192 -1.35 17.84 -25.39
CA LYS A 192 -0.73 16.97 -26.40
C LYS A 192 -1.43 16.93 -27.76
N GLY A 193 -2.62 17.50 -27.83
CA GLY A 193 -3.35 17.55 -29.10
C GLY A 193 -3.92 16.29 -29.70
N LYS A 194 -4.09 15.23 -28.92
CA LYS A 194 -4.63 13.99 -29.43
C LYS A 194 -6.16 13.98 -29.32
N THR A 195 -6.79 14.71 -30.25
CA THR A 195 -8.23 14.83 -30.25
C THR A 195 -9.03 13.56 -30.47
N ASP A 196 -8.43 12.52 -31.04
CA ASP A 196 -9.17 11.28 -31.27
C ASP A 196 -9.14 10.27 -30.13
N LEU A 197 -8.69 10.70 -28.95
CA LEU A 197 -8.65 9.83 -27.78
C LEU A 197 -10.08 9.60 -27.38
N ILE A 198 -10.40 8.40 -26.90
CA ILE A 198 -11.76 8.16 -26.43
C ILE A 198 -11.71 8.15 -24.89
N THR A 199 -12.38 9.14 -24.27
CA THR A 199 -12.47 9.27 -22.81
C THR A 199 -13.79 8.66 -22.38
N VAL A 200 -13.71 7.66 -21.50
CA VAL A 200 -14.89 6.92 -21.02
C VAL A 200 -15.12 7.19 -19.54
N ALA A 201 -16.32 7.62 -19.18
CA ALA A 201 -16.69 7.87 -17.79
C ALA A 201 -17.47 6.65 -17.28
N VAL A 202 -17.09 6.12 -16.12
CA VAL A 202 -17.80 4.95 -15.56
C VAL A 202 -18.61 5.39 -14.31
N GLU A 203 -19.83 4.88 -14.18
CA GLU A 203 -20.68 5.24 -13.05
C GLU A 203 -21.53 4.04 -12.69
N PRO A 204 -22.24 4.08 -11.56
CA PRO A 204 -23.05 2.87 -11.28
C PRO A 204 -24.43 2.90 -11.96
N THR A 205 -24.92 1.72 -12.33
CA THR A 205 -26.23 1.62 -12.98
C THR A 205 -27.32 2.18 -12.05
N ASP A 206 -27.19 1.92 -10.76
CA ASP A 206 -28.17 2.37 -9.79
C ASP A 206 -28.12 3.87 -9.44
N SER A 207 -27.24 4.61 -10.09
CA SER A 207 -27.13 6.06 -9.86
C SER A 207 -26.43 6.65 -11.08
N PRO A 208 -27.05 6.50 -12.27
CA PRO A 208 -26.60 6.95 -13.58
C PRO A 208 -26.76 8.43 -13.90
N VAL A 209 -26.28 9.26 -12.99
CA VAL A 209 -26.38 10.70 -13.09
C VAL A 209 -25.67 11.38 -14.26
N ILE A 210 -24.53 10.84 -14.69
CA ILE A 210 -23.82 11.45 -15.81
C ILE A 210 -24.58 11.20 -17.11
N ALA A 211 -25.12 9.99 -17.25
CA ALA A 211 -25.88 9.63 -18.46
C ALA A 211 -27.17 10.47 -18.56
N GLN A 212 -27.87 10.62 -17.45
CA GLN A 212 -29.09 11.44 -17.43
C GLN A 212 -28.69 12.88 -17.81
N ALA A 213 -27.67 13.43 -17.17
CA ALA A 213 -27.23 14.80 -17.49
C ALA A 213 -26.95 14.97 -18.97
N LEU A 214 -26.17 14.06 -19.54
CA LEU A 214 -25.81 14.10 -20.95
C LEU A 214 -26.99 13.91 -21.91
N ALA A 215 -28.05 13.28 -21.44
CA ALA A 215 -29.24 13.06 -22.25
C ALA A 215 -30.28 14.17 -22.01
N GLY A 216 -29.89 15.20 -21.25
CA GLY A 216 -30.79 16.30 -20.94
C GLY A 216 -31.92 15.98 -19.97
N GLU A 217 -31.98 14.74 -19.49
CA GLU A 217 -33.01 14.31 -18.56
C GLU A 217 -32.83 14.81 -17.14
N GLU A 218 -33.85 14.57 -16.34
CA GLU A 218 -33.86 14.98 -14.95
C GLU A 218 -32.93 14.07 -14.14
N ILE A 219 -32.06 14.67 -13.34
CA ILE A 219 -31.10 13.96 -12.50
C ILE A 219 -31.83 13.24 -11.36
N LYS A 220 -31.77 11.90 -11.35
CA LYS A 220 -32.41 11.11 -10.31
C LYS A 220 -31.44 10.04 -9.82
N PRO A 221 -30.71 10.32 -8.71
CA PRO A 221 -29.74 9.38 -8.14
C PRO A 221 -30.35 8.31 -7.23
N GLY A 222 -29.50 7.37 -6.83
CA GLY A 222 -29.94 6.28 -5.96
C GLY A 222 -28.74 5.65 -5.26
N PRO A 223 -29.00 4.74 -4.30
CA PRO A 223 -27.95 4.05 -3.54
C PRO A 223 -27.23 2.96 -4.34
N HIS A 224 -25.94 2.76 -4.04
CA HIS A 224 -25.12 1.75 -4.71
C HIS A 224 -23.95 1.36 -3.81
N LYS A 225 -23.25 0.29 -4.17
CA LYS A 225 -22.13 -0.23 -3.37
C LYS A 225 -20.71 0.02 -3.90
N ILE A 226 -20.57 0.81 -4.95
CA ILE A 226 -19.25 1.05 -5.50
C ILE A 226 -18.60 2.25 -4.81
N GLN A 227 -18.04 1.99 -3.63
CA GLN A 227 -17.39 3.02 -2.80
C GLN A 227 -16.36 3.82 -3.56
N GLY A 228 -16.46 5.15 -3.48
CA GLY A 228 -15.50 6.01 -4.15
C GLY A 228 -16.02 6.76 -5.35
N ILE A 229 -16.95 6.16 -6.09
CA ILE A 229 -17.53 6.82 -7.28
C ILE A 229 -19.06 7.01 -7.11
N GLY A 230 -19.65 7.85 -7.96
CA GLY A 230 -21.10 8.05 -7.91
C GLY A 230 -21.63 8.86 -6.75
N ALA A 231 -21.23 10.14 -6.72
CA ALA A 231 -21.61 11.10 -5.69
C ALA A 231 -23.09 11.54 -5.70
N GLY A 232 -23.81 11.23 -6.78
CA GLY A 232 -25.21 11.60 -6.87
C GLY A 232 -25.49 12.99 -7.44
N PHE A 233 -24.49 13.62 -8.03
CA PHE A 233 -24.65 14.94 -8.64
C PHE A 233 -23.48 15.20 -9.59
N ILE A 234 -23.53 16.26 -10.39
CA ILE A 234 -22.46 16.58 -11.32
C ILE A 234 -21.47 17.48 -10.56
N PRO A 235 -20.27 16.96 -10.21
CA PRO A 235 -19.27 17.75 -9.48
C PRO A 235 -18.70 18.90 -10.31
N GLY A 236 -18.26 19.96 -9.67
CA GLY A 236 -17.74 21.08 -10.41
C GLY A 236 -16.46 20.75 -11.12
N ASN A 237 -15.76 19.72 -10.63
CA ASN A 237 -14.49 19.28 -11.22
C ASN A 237 -14.61 18.31 -12.40
N LEU A 238 -15.85 17.97 -12.77
CA LEU A 238 -16.15 17.08 -13.91
C LEU A 238 -16.54 17.93 -15.12
N ASP A 239 -15.66 18.11 -16.11
CA ASP A 239 -16.00 18.90 -17.30
C ASP A 239 -16.78 17.99 -18.25
N LEU A 240 -18.12 18.10 -18.24
CA LEU A 240 -18.99 17.26 -19.07
C LEU A 240 -18.67 17.21 -20.58
N LYS A 241 -18.08 18.27 -21.12
CA LYS A 241 -17.78 18.29 -22.54
C LYS A 241 -16.55 17.49 -22.97
N LEU A 242 -15.86 16.85 -22.03
CA LEU A 242 -14.67 16.07 -22.37
C LEU A 242 -14.97 14.57 -22.51
N ILE A 243 -16.13 14.14 -22.02
CA ILE A 243 -16.53 12.75 -22.04
C ILE A 243 -17.04 12.29 -23.43
N ASP A 244 -16.53 11.16 -23.91
CA ASP A 244 -16.95 10.62 -25.21
C ASP A 244 -17.94 9.49 -25.02
N LYS A 245 -17.85 8.76 -23.92
CA LYS A 245 -18.77 7.66 -23.71
C LYS A 245 -18.98 7.44 -22.22
N VAL A 246 -20.14 6.90 -21.85
CA VAL A 246 -20.45 6.62 -20.45
C VAL A 246 -20.88 5.17 -20.35
N VAL A 247 -20.29 4.43 -19.42
CA VAL A 247 -20.65 3.04 -19.23
C VAL A 247 -21.12 2.86 -17.80
N GLY A 248 -22.31 2.29 -17.62
CA GLY A 248 -22.84 2.06 -16.29
C GLY A 248 -22.49 0.64 -15.88
N ILE A 249 -22.11 0.45 -14.61
CA ILE A 249 -21.73 -0.87 -14.12
C ILE A 249 -22.58 -1.23 -12.89
N THR A 250 -22.89 -2.52 -12.75
CA THR A 250 -23.70 -2.98 -11.64
C THR A 250 -22.82 -3.32 -10.45
N ASN A 251 -23.45 -3.43 -9.29
CA ASN A 251 -22.76 -3.78 -8.06
C ASN A 251 -22.07 -5.14 -8.25
N GLU A 252 -22.79 -6.10 -8.85
CA GLU A 252 -22.24 -7.44 -9.05
C GLU A 252 -21.07 -7.51 -10.03
N GLU A 253 -21.12 -6.71 -11.09
CA GLU A 253 -20.07 -6.68 -12.09
C GLU A 253 -18.79 -6.12 -11.50
N ALA A 254 -18.94 -5.08 -10.69
CA ALA A 254 -17.78 -4.45 -10.04
C ALA A 254 -17.09 -5.39 -9.05
N ILE A 255 -17.88 -5.99 -8.17
CA ILE A 255 -17.37 -6.92 -7.17
C ILE A 255 -16.66 -8.12 -7.76
N SER A 256 -17.27 -8.77 -8.75
CA SER A 256 -16.64 -9.96 -9.32
C SER A 256 -15.43 -9.64 -10.20
N THR A 257 -15.43 -8.50 -10.88
CA THR A 257 -14.27 -8.16 -11.71
C THR A 257 -13.08 -7.83 -10.80
N ALA A 258 -13.38 -7.28 -9.63
CA ALA A 258 -12.34 -6.97 -8.65
C ALA A 258 -11.68 -8.28 -8.17
N ARG A 259 -12.49 -9.31 -7.88
CA ARG A 259 -11.97 -10.61 -7.47
C ARG A 259 -11.06 -11.23 -8.52
N ARG A 260 -11.43 -11.10 -9.79
CA ARG A 260 -10.63 -11.65 -10.90
C ARG A 260 -9.28 -10.94 -10.92
N LEU A 261 -9.27 -9.63 -10.73
CA LEU A 261 -8.02 -8.88 -10.74
C LEU A 261 -7.05 -9.47 -9.69
N MET A 262 -7.57 -9.86 -8.53
CA MET A 262 -6.75 -10.43 -7.47
C MET A 262 -6.34 -11.85 -7.79
N GLU A 263 -7.32 -12.71 -8.09
CA GLU A 263 -7.02 -14.11 -8.35
C GLU A 263 -6.32 -14.44 -9.66
N GLU A 264 -6.54 -13.64 -10.70
CA GLU A 264 -5.97 -13.90 -12.02
C GLU A 264 -4.79 -13.06 -12.41
N GLU A 265 -4.64 -11.88 -11.80
CA GLU A 265 -3.51 -11.01 -12.14
C GLU A 265 -2.57 -10.70 -10.95
N GLY A 266 -3.02 -11.00 -9.73
CA GLY A 266 -2.23 -10.71 -8.54
C GLY A 266 -2.13 -9.22 -8.23
N ILE A 267 -3.22 -8.49 -8.50
CA ILE A 267 -3.29 -7.06 -8.24
C ILE A 267 -4.37 -6.76 -7.21
N LEU A 268 -3.97 -6.45 -5.98
CA LEU A 268 -4.89 -6.12 -4.90
C LEU A 268 -5.78 -4.96 -5.37
N ALA A 269 -7.09 -5.17 -5.39
CA ALA A 269 -8.01 -4.15 -5.90
C ALA A 269 -9.31 -3.89 -5.13
N GLY A 270 -9.73 -2.63 -5.13
CA GLY A 270 -10.97 -2.25 -4.47
C GLY A 270 -12.18 -2.37 -5.39
N ILE A 271 -13.36 -2.05 -4.86
CA ILE A 271 -14.59 -2.17 -5.63
C ILE A 271 -14.57 -1.32 -6.91
N SER A 272 -14.20 -0.05 -6.81
CA SER A 272 -14.16 0.80 -8.00
C SER A 272 -13.10 0.39 -9.05
N SER A 273 -12.12 -0.43 -8.65
CA SER A 273 -11.11 -0.90 -9.59
C SER A 273 -11.77 -1.97 -10.47
N GLY A 274 -12.63 -2.80 -9.85
CA GLY A 274 -13.36 -3.81 -10.59
C GLY A 274 -14.33 -3.20 -11.59
N ALA A 275 -15.01 -2.12 -11.19
CA ALA A 275 -15.95 -1.41 -12.05
C ALA A 275 -15.29 -0.83 -13.32
N ALA A 276 -14.10 -0.25 -13.17
CA ALA A 276 -13.41 0.36 -14.30
C ALA A 276 -12.93 -0.69 -15.28
N VAL A 277 -12.47 -1.83 -14.76
CA VAL A 277 -12.00 -2.91 -15.63
C VAL A 277 -13.19 -3.58 -16.33
N ALA A 278 -14.34 -3.65 -15.66
CA ALA A 278 -15.56 -4.22 -16.24
C ALA A 278 -16.01 -3.36 -17.44
N ALA A 279 -15.83 -2.04 -17.34
CA ALA A 279 -16.18 -1.16 -18.44
C ALA A 279 -15.30 -1.46 -19.66
N ALA A 280 -14.03 -1.78 -19.44
CA ALA A 280 -13.11 -2.13 -20.55
C ALA A 280 -13.58 -3.41 -21.27
N LEU A 281 -14.00 -4.42 -20.51
CA LEU A 281 -14.47 -5.68 -21.08
C LEU A 281 -15.72 -5.47 -21.96
N LYS A 282 -16.63 -4.62 -21.52
CA LYS A 282 -17.83 -4.31 -22.28
C LYS A 282 -17.51 -3.62 -23.58
N LEU A 283 -16.53 -2.73 -23.59
CA LEU A 283 -16.17 -2.03 -24.82
C LEU A 283 -15.52 -2.99 -25.83
N GLN A 284 -14.82 -4.00 -25.32
CA GLN A 284 -14.15 -4.95 -26.21
C GLN A 284 -15.11 -5.93 -26.92
N GLU A 285 -16.39 -5.86 -26.57
CA GLU A 285 -17.41 -6.69 -27.21
C GLU A 285 -17.76 -6.03 -28.54
N ASP A 286 -17.37 -4.77 -28.69
CA ASP A 286 -17.62 -4.00 -29.89
C ASP A 286 -16.40 -4.11 -30.77
N GLU A 287 -16.64 -4.43 -32.04
CA GLU A 287 -15.59 -4.61 -33.02
C GLU A 287 -14.65 -3.42 -33.24
N SER A 288 -15.15 -2.19 -33.07
CA SER A 288 -14.31 -1.01 -33.25
C SER A 288 -13.20 -0.83 -32.20
N PHE A 289 -13.32 -1.53 -31.08
CA PHE A 289 -12.35 -1.45 -29.98
C PHE A 289 -11.35 -2.61 -29.91
N THR A 290 -11.46 -3.56 -30.83
CA THR A 290 -10.60 -4.74 -30.84
C THR A 290 -9.11 -4.52 -30.85
N ASN A 291 -8.64 -3.53 -31.60
CA ASN A 291 -7.22 -3.25 -31.68
C ASN A 291 -6.77 -1.96 -31.01
N LYS A 292 -7.59 -1.45 -30.09
CA LYS A 292 -7.26 -0.22 -29.38
C LYS A 292 -6.60 -0.48 -28.01
N ASN A 293 -5.63 0.36 -27.65
CA ASN A 293 -4.91 0.28 -26.37
C ASN A 293 -5.72 1.02 -25.33
N ILE A 294 -6.15 0.31 -24.30
CA ILE A 294 -6.99 0.91 -23.27
C ILE A 294 -6.29 1.08 -21.92
N VAL A 295 -6.24 2.31 -21.41
CA VAL A 295 -5.65 2.61 -20.10
C VAL A 295 -6.77 2.77 -19.06
N VAL A 296 -6.73 1.98 -17.98
CA VAL A 296 -7.73 2.03 -16.93
C VAL A 296 -7.09 2.44 -15.59
N ILE A 297 -7.74 3.36 -14.85
CA ILE A 297 -7.29 3.83 -13.53
C ILE A 297 -7.79 2.87 -12.42
N LEU A 298 -6.87 2.27 -11.64
CA LEU A 298 -7.26 1.36 -10.52
C LEU A 298 -7.02 2.22 -9.25
N PRO A 299 -8.09 2.84 -8.71
CA PRO A 299 -8.04 3.71 -7.52
C PRO A 299 -7.48 3.28 -6.14
N SER A 300 -7.82 2.07 -5.69
CA SER A 300 -7.39 1.63 -4.39
C SER A 300 -7.17 0.14 -4.30
N SER A 301 -6.65 -0.29 -3.16
CA SER A 301 -6.34 -1.66 -2.86
C SER A 301 -7.46 -2.34 -2.07
N GLY A 302 -7.60 -3.65 -2.28
CA GLY A 302 -8.64 -4.42 -1.60
C GLY A 302 -8.45 -4.56 -0.11
N GLU A 303 -7.24 -4.30 0.37
CA GLU A 303 -6.92 -4.40 1.80
C GLU A 303 -7.73 -3.40 2.64
N ARG A 304 -8.16 -2.31 2.00
CA ARG A 304 -8.96 -1.26 2.64
C ARG A 304 -10.45 -1.61 2.59
N TYR A 305 -10.78 -2.82 2.15
CA TYR A 305 -12.17 -3.26 2.02
C TYR A 305 -12.40 -4.65 2.55
N LEU A 306 -11.57 -5.12 3.46
CA LEU A 306 -11.72 -6.47 3.99
C LEU A 306 -13.02 -6.77 4.73
N SER A 307 -13.70 -5.73 5.17
CA SER A 307 -14.96 -5.91 5.91
C SER A 307 -16.22 -5.61 5.08
N THR A 308 -16.06 -5.43 3.78
CA THR A 308 -17.16 -5.10 2.88
C THR A 308 -17.70 -6.29 2.09
N ALA A 309 -18.68 -5.97 1.24
CA ALA A 309 -19.33 -6.93 0.35
C ALA A 309 -18.35 -7.62 -0.59
N LEU A 310 -17.23 -6.93 -0.89
CA LEU A 310 -16.20 -7.47 -1.80
C LEU A 310 -15.80 -8.90 -1.43
N PHE A 311 -15.80 -9.24 -0.14
CA PHE A 311 -15.41 -10.56 0.29
C PHE A 311 -16.46 -11.28 1.13
N ALA A 312 -17.63 -10.68 1.32
CA ALA A 312 -18.68 -11.27 2.16
C ALA A 312 -18.97 -12.71 1.79
N ASP A 313 -18.75 -12.99 0.52
CA ASP A 313 -18.94 -14.28 -0.10
C ASP A 313 -17.82 -15.28 0.26
N LEU A 314 -16.58 -14.77 0.28
CA LEU A 314 -15.35 -15.54 0.51
C LEU A 314 -14.90 -16.03 1.88
N PHE A 315 -14.97 -15.18 2.89
CA PHE A 315 -14.48 -15.53 4.23
C PHE A 315 -15.27 -16.52 5.09
N THR A 316 -14.52 -17.48 5.64
CA THR A 316 -15.07 -18.53 6.50
C THR A 316 -14.62 -18.30 7.96
N GLU A 317 -14.70 -19.34 8.79
CA GLU A 317 -14.30 -19.27 10.20
C GLU A 317 -12.79 -19.01 10.36
N LYS A 318 -12.01 -19.62 9.49
CA LYS A 318 -10.56 -19.52 9.47
C LYS A 318 -9.96 -18.10 9.29
N GLU A 319 -10.69 -17.19 8.65
CA GLU A 319 -10.19 -15.82 8.42
C GLU A 319 -10.79 -14.74 9.32
N LEU A 320 -11.94 -15.03 9.92
CA LEU A 320 -12.64 -14.07 10.77
C LEU A 320 -12.34 -14.10 12.28
N GLN A 321 -12.11 -15.29 12.83
CA GLN A 321 -11.81 -15.42 14.26
C GLN A 321 -10.36 -15.84 14.46
N GLN A 322 -9.70 -15.23 15.45
CA GLN A 322 -8.30 -15.51 15.77
C GLN A 322 -8.13 -16.97 16.26
N SER B 1 8.63 4.10 -23.51
CA SER B 1 7.69 3.00 -23.17
C SER B 1 8.10 2.31 -21.86
N LYS B 2 7.15 2.16 -20.94
CA LYS B 2 7.43 1.51 -19.68
C LYS B 2 6.17 0.78 -19.22
N ILE B 3 5.92 -0.35 -19.86
CA ILE B 3 4.77 -1.15 -19.55
C ILE B 3 5.29 -2.42 -18.93
N TYR B 4 4.74 -2.83 -17.78
CA TYR B 4 5.19 -4.03 -17.10
C TYR B 4 4.38 -5.23 -17.52
N GLU B 5 5.06 -6.32 -17.85
CA GLU B 5 4.43 -7.57 -18.28
C GLU B 5 3.52 -8.15 -17.21
N ASP B 6 3.94 -8.06 -15.94
CA ASP B 6 3.12 -8.50 -14.81
C ASP B 6 3.55 -7.74 -13.54
N ASN B 7 2.75 -7.82 -12.50
CA ASN B 7 2.99 -7.08 -11.24
C ASN B 7 4.32 -7.35 -10.52
N SER B 8 4.86 -8.56 -10.64
CA SER B 8 6.11 -8.87 -9.95
C SER B 8 7.30 -8.07 -10.48
N LEU B 9 7.17 -7.52 -11.66
CA LEU B 9 8.28 -6.76 -12.24
C LEU B 9 8.33 -5.32 -11.77
N THR B 10 7.37 -4.92 -10.94
CA THR B 10 7.33 -3.54 -10.41
C THR B 10 7.95 -3.37 -9.00
N ILE B 11 8.62 -4.39 -8.48
CA ILE B 11 9.24 -4.33 -7.14
C ILE B 11 10.34 -3.27 -6.98
N GLY B 12 10.52 -2.79 -5.75
CA GLY B 12 11.59 -1.83 -5.46
C GLY B 12 11.46 -0.37 -5.80
N HIS B 13 12.59 0.35 -5.76
CA HIS B 13 12.64 1.79 -6.00
C HIS B 13 11.76 2.56 -4.99
N THR B 14 11.78 2.10 -3.73
CA THR B 14 11.02 2.66 -2.61
C THR B 14 11.69 3.96 -2.16
N PRO B 15 10.91 4.95 -1.65
CA PRO B 15 11.46 6.24 -1.21
C PRO B 15 12.17 6.28 0.15
N LEU B 16 13.14 7.20 0.24
CA LEU B 16 13.91 7.46 1.44
C LEU B 16 13.40 8.82 1.94
N VAL B 17 12.67 8.81 3.06
CA VAL B 17 12.06 10.01 3.66
C VAL B 17 12.76 10.40 4.98
N ARG B 18 12.95 11.70 5.18
CA ARG B 18 13.59 12.20 6.40
C ARG B 18 12.58 12.40 7.52
N LEU B 19 12.88 11.93 8.73
CA LEU B 19 11.96 12.10 9.84
C LEU B 19 12.31 13.46 10.46
N ASN B 20 11.34 14.36 10.60
CA ASN B 20 11.59 15.70 11.13
C ASN B 20 11.24 15.91 12.60
N ARG B 21 10.33 15.10 13.13
CA ARG B 21 9.91 15.22 14.53
C ARG B 21 10.48 14.13 15.43
N ILE B 22 10.79 12.97 14.86
CA ILE B 22 11.36 11.88 15.65
C ILE B 22 12.89 11.88 15.47
N GLY B 23 13.65 12.00 16.56
CA GLY B 23 15.10 12.02 16.44
C GLY B 23 15.65 13.39 16.03
N ASN B 24 16.96 13.46 15.81
CA ASN B 24 17.62 14.73 15.48
C ASN B 24 17.56 15.26 14.07
N GLY B 25 16.71 14.70 13.22
CA GLY B 25 16.66 15.13 11.83
C GLY B 25 17.60 14.34 10.89
N ARG B 26 18.34 13.37 11.43
CA ARG B 26 19.26 12.57 10.61
C ARG B 26 18.82 11.12 10.41
N ILE B 27 17.63 10.79 10.88
CA ILE B 27 17.10 9.45 10.69
C ILE B 27 16.33 9.46 9.35
N LEU B 28 16.78 8.64 8.41
CA LEU B 28 16.19 8.48 7.07
C LEU B 28 15.51 7.12 6.95
N ALA B 29 14.20 7.15 6.73
CA ALA B 29 13.37 5.95 6.64
C ALA B 29 13.13 5.42 5.21
N LYS B 30 13.43 4.14 4.95
CA LYS B 30 13.18 3.55 3.64
C LYS B 30 11.83 2.84 3.76
N VAL B 31 10.85 3.38 3.03
CA VAL B 31 9.47 2.90 3.09
C VAL B 31 9.19 1.72 2.17
N GLU B 32 9.37 0.53 2.72
CA GLU B 32 9.19 -0.71 1.98
C GLU B 32 7.76 -1.18 1.72
N SER B 33 6.78 -0.44 2.23
CA SER B 33 5.37 -0.76 1.98
C SER B 33 4.96 -0.21 0.61
N ARG B 34 5.84 0.57 -0.01
CA ARG B 34 5.62 1.10 -1.35
C ARG B 34 6.06 0.00 -2.36
N ASN B 35 5.56 -1.22 -2.17
CA ASN B 35 5.89 -2.36 -3.03
C ASN B 35 4.55 -2.94 -3.55
N PRO B 36 4.59 -3.81 -4.58
CA PRO B 36 3.38 -4.43 -5.16
C PRO B 36 2.39 -5.05 -4.14
N SER B 37 2.88 -5.81 -3.15
CA SER B 37 1.98 -6.38 -2.14
C SER B 37 2.15 -5.68 -0.76
N PHE B 38 2.76 -4.48 -0.80
CA PHE B 38 2.95 -3.63 0.38
C PHE B 38 3.85 -4.04 1.56
N SER B 39 4.99 -4.66 1.25
CA SER B 39 5.93 -5.03 2.29
C SER B 39 7.30 -5.29 1.69
N VAL B 40 8.32 -5.29 2.53
CA VAL B 40 9.68 -5.54 2.07
C VAL B 40 9.75 -6.93 1.41
N ALA B 41 8.93 -7.85 1.90
CA ALA B 41 8.91 -9.22 1.39
C ALA B 41 8.56 -9.41 -0.09
N CYS B 42 7.97 -8.39 -0.74
CA CYS B 42 7.61 -8.49 -2.16
C CYS B 42 8.86 -8.74 -2.98
N ARG B 43 9.98 -8.17 -2.55
CA ARG B 43 11.25 -8.33 -3.27
C ARG B 43 11.67 -9.80 -3.35
N ILE B 44 11.48 -10.55 -2.26
CA ILE B 44 11.89 -11.95 -2.25
C ILE B 44 10.85 -12.93 -2.78
N GLY B 45 9.56 -12.59 -2.66
CA GLY B 45 8.52 -13.46 -3.18
C GLY B 45 8.74 -13.55 -4.69
N ALA B 46 9.07 -12.42 -5.30
CA ALA B 46 9.36 -12.33 -6.72
C ALA B 46 10.65 -13.07 -7.11
N ASN B 47 11.77 -12.72 -6.47
CA ASN B 47 13.05 -13.37 -6.79
C ASN B 47 13.24 -14.86 -6.51
N MET B 48 12.62 -15.41 -5.47
CA MET B 48 12.75 -16.84 -5.20
C MET B 48 12.01 -17.63 -6.29
N ILE B 49 10.90 -17.10 -6.77
CA ILE B 49 10.15 -17.74 -7.85
C ILE B 49 10.87 -17.61 -9.21
N TRP B 50 11.37 -16.41 -9.54
CA TRP B 50 12.12 -16.20 -10.79
C TRP B 50 13.32 -17.15 -10.86
N ASP B 51 14.03 -17.26 -9.74
CA ASP B 51 15.19 -18.12 -9.59
C ASP B 51 14.79 -19.59 -9.77
N ALA B 52 13.71 -20.04 -9.13
CA ALA B 52 13.23 -21.43 -9.26
C ALA B 52 12.91 -21.76 -10.73
N GLU B 53 12.38 -20.76 -11.45
CA GLU B 53 12.05 -20.92 -12.85
C GLU B 53 13.33 -21.07 -13.68
N LYS B 54 14.32 -20.20 -13.44
CA LYS B 54 15.59 -20.28 -14.18
C LYS B 54 16.30 -21.61 -13.88
N ARG B 55 16.13 -22.13 -12.68
CA ARG B 55 16.76 -23.39 -12.30
C ARG B 55 15.95 -24.58 -12.77
N GLY B 56 14.85 -24.33 -13.46
CA GLY B 56 14.01 -25.39 -13.97
C GLY B 56 13.33 -26.28 -12.95
N VAL B 57 13.25 -25.89 -11.68
CA VAL B 57 12.59 -26.76 -10.71
C VAL B 57 11.11 -26.41 -10.55
N LEU B 58 10.74 -25.24 -11.04
CA LEU B 58 9.36 -24.79 -10.93
C LEU B 58 8.78 -24.78 -12.33
N LYS B 59 7.73 -25.56 -12.50
CA LYS B 59 7.03 -25.68 -13.77
C LYS B 59 5.60 -26.00 -13.44
N PRO B 60 4.67 -25.76 -14.39
CA PRO B 60 3.25 -26.03 -14.13
C PRO B 60 3.09 -27.50 -13.70
N GLY B 61 2.36 -27.70 -12.61
CA GLY B 61 2.15 -29.04 -12.08
C GLY B 61 2.72 -29.10 -10.68
N VAL B 62 3.80 -28.35 -10.45
CA VAL B 62 4.47 -28.26 -9.14
C VAL B 62 3.77 -27.23 -8.24
N GLU B 63 3.38 -27.63 -7.04
CA GLU B 63 2.74 -26.71 -6.10
C GLU B 63 3.78 -26.20 -5.10
N LEU B 64 3.67 -24.93 -4.69
CA LEU B 64 4.61 -24.34 -3.73
C LEU B 64 4.07 -24.42 -2.30
N VAL B 65 4.95 -24.69 -1.36
CA VAL B 65 4.58 -24.75 0.06
C VAL B 65 5.65 -23.91 0.79
N GLU B 66 5.24 -23.07 1.75
CA GLU B 66 6.19 -22.19 2.44
C GLU B 66 5.76 -21.71 3.84
N PRO B 67 6.70 -21.68 4.80
CA PRO B 67 6.49 -21.23 6.18
C PRO B 67 6.62 -19.69 6.24
N THR B 68 5.68 -19.00 6.91
CA THR B 68 5.75 -17.55 6.95
C THR B 68 5.05 -16.88 8.14
N ASN B 69 5.41 -15.62 8.37
CA ASN B 69 4.83 -14.79 9.42
C ASN B 69 3.63 -14.07 8.78
N GLY B 70 3.61 -14.05 7.45
CA GLY B 70 2.51 -13.41 6.75
C GLY B 70 2.94 -12.64 5.53
N ASN B 71 3.87 -11.70 5.66
CA ASN B 71 4.29 -10.92 4.51
C ASN B 71 4.93 -11.68 3.35
N THR B 72 5.74 -12.70 3.65
CA THR B 72 6.35 -13.47 2.57
C THR B 72 5.27 -14.31 1.88
N GLY B 73 4.28 -14.78 2.64
CA GLY B 73 3.20 -15.57 2.07
C GLY B 73 2.38 -14.75 1.08
N ILE B 74 2.03 -13.52 1.46
CA ILE B 74 1.28 -12.61 0.61
C ILE B 74 2.14 -12.23 -0.60
N ALA B 75 3.46 -12.15 -0.42
CA ALA B 75 4.33 -11.79 -1.55
C ALA B 75 4.36 -12.92 -2.60
N LEU B 76 4.42 -14.17 -2.13
CA LEU B 76 4.44 -15.33 -3.02
C LEU B 76 3.05 -15.54 -3.65
N ALA B 77 1.99 -15.22 -2.91
CA ALA B 77 0.63 -15.36 -3.43
C ALA B 77 0.33 -14.44 -4.64
N TYR B 78 0.76 -13.18 -4.61
CA TYR B 78 0.49 -12.30 -5.75
C TYR B 78 1.30 -12.70 -6.98
N VAL B 79 2.54 -13.15 -6.80
CA VAL B 79 3.39 -13.57 -7.92
C VAL B 79 2.80 -14.88 -8.50
N ALA B 80 2.41 -15.80 -7.63
CA ALA B 80 1.82 -17.09 -8.03
C ALA B 80 0.56 -16.85 -8.87
N ALA B 81 -0.36 -16.01 -8.38
CA ALA B 81 -1.57 -15.69 -9.12
C ALA B 81 -1.25 -15.13 -10.51
N ALA B 82 -0.29 -14.23 -10.60
CA ALA B 82 0.08 -13.61 -11.86
C ALA B 82 0.75 -14.55 -12.86
N ARG B 83 1.40 -15.60 -12.38
CA ARG B 83 2.09 -16.54 -13.27
C ARG B 83 1.52 -17.94 -13.26
N GLY B 84 0.31 -18.08 -12.71
CA GLY B 84 -0.38 -19.35 -12.66
C GLY B 84 0.13 -20.54 -11.85
N TYR B 85 0.50 -20.32 -10.59
CA TYR B 85 0.98 -21.43 -9.75
C TYR B 85 0.05 -21.64 -8.55
N LYS B 86 0.02 -22.87 -8.04
CA LYS B 86 -0.78 -23.20 -6.86
C LYS B 86 0.15 -23.01 -5.65
N LEU B 87 -0.41 -22.52 -4.54
CA LEU B 87 0.39 -22.24 -3.35
C LEU B 87 -0.27 -22.54 -2.01
N THR B 88 0.51 -23.11 -1.09
CA THR B 88 0.04 -23.43 0.24
C THR B 88 0.99 -22.80 1.27
N LEU B 89 0.42 -22.18 2.30
CA LEU B 89 1.19 -21.51 3.34
C LEU B 89 0.91 -22.05 4.73
N THR B 90 1.97 -22.08 5.52
CA THR B 90 1.92 -22.52 6.89
C THR B 90 2.33 -21.27 7.71
N MET B 91 1.45 -20.83 8.60
CA MET B 91 1.66 -19.61 9.38
C MET B 91 1.13 -19.76 10.81
N PRO B 92 1.83 -19.18 11.80
CA PRO B 92 1.34 -19.31 13.17
C PRO B 92 0.01 -18.55 13.37
N GLU B 93 -0.87 -19.11 14.21
CA GLU B 93 -2.19 -18.51 14.51
C GLU B 93 -2.10 -17.18 15.25
N THR B 94 -0.88 -16.77 15.55
CA THR B 94 -0.57 -15.53 16.26
C THR B 94 -0.56 -14.26 15.37
N MET B 95 -0.18 -14.42 14.10
CA MET B 95 -0.08 -13.30 13.18
C MET B 95 -1.46 -12.67 12.93
N SER B 96 -1.48 -11.38 12.59
CA SER B 96 -2.73 -10.65 12.39
C SER B 96 -3.69 -11.31 11.40
N ILE B 97 -5.00 -11.23 11.69
CA ILE B 97 -6.01 -11.84 10.81
C ILE B 97 -6.05 -11.22 9.41
N GLU B 98 -5.57 -9.99 9.24
CA GLU B 98 -5.56 -9.40 7.91
C GLU B 98 -4.60 -10.16 6.97
N ARG B 99 -3.56 -10.76 7.53
CA ARG B 99 -2.63 -11.57 6.74
C ARG B 99 -3.41 -12.81 6.23
N ARG B 100 -4.29 -13.36 7.08
CA ARG B 100 -5.10 -14.52 6.69
C ARG B 100 -6.07 -14.19 5.54
N LYS B 101 -6.86 -13.14 5.74
CA LYS B 101 -7.85 -12.67 4.77
C LYS B 101 -7.26 -12.39 3.37
N LEU B 102 -6.11 -11.72 3.36
CA LEU B 102 -5.40 -11.37 2.13
C LEU B 102 -4.87 -12.60 1.36
N LEU B 103 -4.48 -13.67 2.06
CA LEU B 103 -3.99 -14.89 1.40
C LEU B 103 -5.15 -15.61 0.71
N LYS B 104 -6.34 -15.51 1.30
CA LYS B 104 -7.57 -16.10 0.76
C LYS B 104 -7.96 -15.34 -0.52
N ALA B 105 -7.98 -14.01 -0.42
CA ALA B 105 -8.29 -13.13 -1.56
C ALA B 105 -7.44 -13.35 -2.82
N LEU B 106 -6.18 -13.75 -2.63
CA LEU B 106 -5.27 -14.00 -3.75
C LEU B 106 -5.28 -15.45 -4.24
N GLY B 107 -6.15 -16.28 -3.65
CA GLY B 107 -6.28 -17.67 -4.03
C GLY B 107 -5.27 -18.68 -3.48
N ALA B 108 -4.73 -18.45 -2.29
CA ALA B 108 -3.76 -19.37 -1.69
C ALA B 108 -4.38 -20.19 -0.55
N ASN B 109 -3.78 -21.34 -0.26
CA ASN B 109 -4.26 -22.22 0.82
C ASN B 109 -3.48 -21.87 2.07
N LEU B 110 -4.14 -21.88 3.21
CA LEU B 110 -3.50 -21.54 4.48
C LEU B 110 -3.66 -22.65 5.53
N VAL B 111 -2.57 -22.97 6.20
CA VAL B 111 -2.60 -23.98 7.24
C VAL B 111 -2.07 -23.33 8.51
N LEU B 112 -2.95 -23.12 9.48
CA LEU B 112 -2.58 -22.49 10.74
C LEU B 112 -1.83 -23.46 11.66
N THR B 113 -0.72 -22.99 12.23
CA THR B 113 0.09 -23.78 13.15
C THR B 113 -0.02 -23.22 14.58
N GLU B 114 0.20 -24.09 15.57
CA GLU B 114 0.09 -23.71 16.97
C GLU B 114 0.90 -22.47 17.35
N GLY B 115 0.24 -21.48 17.92
CA GLY B 115 0.88 -20.24 18.32
C GLY B 115 2.07 -20.43 19.26
N ALA B 116 1.92 -21.33 20.21
CA ALA B 116 2.97 -21.64 21.19
C ALA B 116 4.27 -22.12 20.52
N LYS B 117 4.18 -22.71 19.33
CA LYS B 117 5.38 -23.20 18.64
C LYS B 117 6.11 -22.19 17.73
N GLY B 118 5.59 -20.98 17.60
CA GLY B 118 6.21 -19.95 16.77
C GLY B 118 6.58 -20.31 15.33
N MET B 119 7.69 -19.76 14.83
CA MET B 119 8.11 -20.04 13.46
C MET B 119 8.66 -21.46 13.24
N LYS B 120 9.12 -22.10 14.31
CA LYS B 120 9.63 -23.48 14.19
C LYS B 120 8.45 -24.39 13.91
N GLY B 121 7.30 -24.06 14.52
CA GLY B 121 6.08 -24.84 14.32
C GLY B 121 5.56 -24.79 12.89
N ALA B 122 5.73 -23.63 12.24
CA ALA B 122 5.29 -23.45 10.86
C ALA B 122 6.29 -24.10 9.91
N ILE B 123 7.59 -24.09 10.28
CA ILE B 123 8.61 -24.71 9.44
C ILE B 123 8.44 -26.24 9.43
N GLN B 124 8.07 -26.82 10.56
CA GLN B 124 7.83 -28.27 10.69
C GLN B 124 6.66 -28.73 9.79
N LYS B 125 5.54 -28.03 9.88
CA LYS B 125 4.36 -28.36 9.07
C LYS B 125 4.68 -28.33 7.59
N ALA B 126 5.44 -27.32 7.17
CA ALA B 126 5.83 -27.16 5.77
C ALA B 126 6.61 -28.39 5.26
N GLU B 127 7.56 -28.86 6.07
CA GLU B 127 8.38 -30.02 5.72
C GLU B 127 7.57 -31.33 5.69
N GLU B 128 6.60 -31.45 6.59
CA GLU B 128 5.74 -32.63 6.64
C GLU B 128 4.97 -32.75 5.33
N ILE B 129 4.37 -31.64 4.93
CA ILE B 129 3.60 -31.55 3.71
C ILE B 129 4.41 -31.90 2.45
N VAL B 130 5.59 -31.32 2.31
CA VAL B 130 6.40 -31.61 1.13
C VAL B 130 6.82 -33.08 1.11
N ALA B 131 6.93 -33.69 2.29
CA ALA B 131 7.32 -35.11 2.40
C ALA B 131 6.22 -36.05 1.87
N SER B 132 4.97 -35.66 2.04
CA SER B 132 3.82 -36.44 1.59
C SER B 132 3.88 -36.77 0.11
N ASP B 133 4.49 -35.89 -0.68
CA ASP B 133 4.57 -36.08 -2.11
C ASP B 133 5.65 -35.15 -2.64
N PRO B 134 6.93 -35.57 -2.52
CA PRO B 134 8.11 -34.81 -2.95
C PRO B 134 8.13 -34.53 -4.45
N GLN B 135 7.18 -35.13 -5.17
CA GLN B 135 7.07 -34.95 -6.62
C GLN B 135 6.24 -33.70 -6.91
N LYS B 136 5.17 -33.56 -6.14
CA LYS B 136 4.22 -32.47 -6.28
C LYS B 136 4.68 -31.14 -5.71
N TYR B 137 5.17 -31.19 -4.47
CA TYR B 137 5.59 -30.01 -3.73
C TYR B 137 7.02 -29.50 -3.85
N LEU B 138 7.15 -28.18 -3.87
CA LEU B 138 8.43 -27.47 -3.92
C LEU B 138 8.47 -26.50 -2.72
N LEU B 139 9.48 -26.62 -1.87
CA LEU B 139 9.61 -25.73 -0.71
C LEU B 139 10.79 -24.79 -0.99
N LEU B 140 10.52 -23.51 -1.22
CA LEU B 140 11.58 -22.55 -1.52
C LEU B 140 12.48 -22.23 -0.31
N GLN B 141 11.90 -22.22 0.89
CA GLN B 141 12.62 -21.97 2.14
C GLN B 141 13.38 -20.63 2.22
N GLN B 142 12.64 -19.59 2.62
CA GLN B 142 13.15 -18.23 2.74
C GLN B 142 14.25 -18.01 3.77
N PHE B 143 14.32 -18.88 4.77
CA PHE B 143 15.31 -18.78 5.83
C PHE B 143 16.71 -19.19 5.41
N SER B 144 16.82 -19.97 4.33
CA SER B 144 18.12 -20.43 3.83
C SER B 144 18.36 -20.30 2.32
N ASN B 145 17.31 -19.98 1.58
CA ASN B 145 17.42 -19.82 0.14
C ASN B 145 18.25 -18.58 -0.16
N PRO B 146 19.37 -18.74 -0.90
CA PRO B 146 20.30 -17.66 -1.29
C PRO B 146 19.67 -16.54 -2.12
N ALA B 147 18.60 -16.87 -2.82
CA ALA B 147 17.89 -15.92 -3.67
C ALA B 147 17.25 -14.79 -2.84
N ASN B 148 17.10 -15.02 -1.54
CA ASN B 148 16.54 -14.02 -0.64
C ASN B 148 17.56 -12.87 -0.48
N PRO B 149 18.73 -13.12 0.15
CA PRO B 149 19.64 -11.97 0.25
C PRO B 149 20.17 -11.44 -1.08
N GLU B 150 20.08 -12.25 -2.13
CA GLU B 150 20.55 -11.84 -3.44
C GLU B 150 19.77 -10.66 -4.01
N ILE B 151 18.46 -10.64 -3.83
CA ILE B 151 17.68 -9.54 -4.36
C ILE B 151 17.99 -8.25 -3.58
N HIS B 152 18.29 -8.39 -2.29
CA HIS B 152 18.62 -7.22 -1.47
C HIS B 152 19.97 -6.66 -1.85
N GLU B 153 20.85 -7.54 -2.30
CA GLU B 153 22.18 -7.13 -2.71
C GLU B 153 22.17 -6.41 -4.05
N LYS B 154 21.20 -6.77 -4.88
CA LYS B 154 21.03 -6.20 -6.21
C LYS B 154 20.10 -5.02 -6.33
N THR B 155 19.11 -4.90 -5.43
CA THR B 155 18.18 -3.78 -5.47
C THR B 155 18.16 -2.85 -4.23
N THR B 156 17.79 -3.39 -3.07
CA THR B 156 17.72 -2.61 -1.83
C THR B 156 19.01 -1.88 -1.52
N GLY B 157 20.14 -2.60 -1.60
CA GLY B 157 21.43 -1.98 -1.31
C GLY B 157 21.81 -0.84 -2.24
N PRO B 158 21.80 -1.07 -3.57
CA PRO B 158 22.15 -0.01 -4.54
C PRO B 158 21.25 1.23 -4.43
N GLU B 159 19.97 1.01 -4.11
CA GLU B 159 19.00 2.12 -3.93
C GLU B 159 19.42 3.03 -2.78
N ILE B 160 19.74 2.41 -1.63
CA ILE B 160 20.19 3.10 -0.44
C ILE B 160 21.49 3.88 -0.73
N TRP B 161 22.41 3.22 -1.43
CA TRP B 161 23.68 3.83 -1.78
C TRP B 161 23.53 5.05 -2.70
N GLU B 162 22.78 4.91 -3.79
CA GLU B 162 22.60 6.01 -4.71
C GLU B 162 21.79 7.17 -4.15
N ASP B 163 20.71 6.87 -3.46
CA ASP B 163 19.87 7.90 -2.89
C ASP B 163 20.59 8.78 -1.86
N THR B 164 21.58 8.23 -1.16
CA THR B 164 22.34 9.01 -0.17
C THR B 164 23.72 9.45 -0.70
N ASP B 165 24.01 9.26 -1.98
CA ASP B 165 25.32 9.60 -2.52
C ASP B 165 26.47 8.99 -1.69
N GLY B 166 26.24 7.81 -1.12
CA GLY B 166 27.24 7.14 -0.30
C GLY B 166 27.42 7.66 1.14
N GLN B 167 26.58 8.58 1.58
CA GLN B 167 26.67 9.18 2.91
C GLN B 167 25.91 8.42 3.98
N VAL B 168 25.73 7.13 3.83
CA VAL B 168 25.02 6.34 4.86
C VAL B 168 26.08 5.90 5.90
N ASP B 169 25.88 6.23 7.18
CA ASP B 169 26.87 5.89 8.22
C ASP B 169 26.44 4.71 9.06
N VAL B 170 25.14 4.58 9.29
CA VAL B 170 24.59 3.50 10.09
C VAL B 170 23.37 2.93 9.33
N PHE B 171 23.23 1.60 9.36
CA PHE B 171 22.12 0.92 8.69
C PHE B 171 21.47 0.07 9.78
N ILE B 172 20.16 0.23 9.94
CA ILE B 172 19.41 -0.49 10.97
C ILE B 172 18.33 -1.39 10.35
N SER B 173 18.33 -2.66 10.74
CA SER B 173 17.35 -3.59 10.20
C SER B 173 16.85 -4.61 11.20
N GLY B 174 15.54 -4.70 11.38
CA GLY B 174 15.00 -5.70 12.28
C GLY B 174 15.13 -7.04 11.57
N VAL B 175 15.62 -8.05 12.26
CA VAL B 175 15.86 -9.38 11.65
C VAL B 175 14.76 -10.44 11.78
N GLY B 176 14.37 -10.99 10.62
CA GLY B 176 13.39 -12.06 10.50
C GLY B 176 14.15 -13.28 9.95
N THR B 177 14.46 -13.25 8.66
CA THR B 177 15.24 -14.31 8.01
C THR B 177 16.70 -13.82 7.91
N GLY B 178 16.89 -12.50 8.00
CA GLY B 178 18.23 -11.93 7.92
C GLY B 178 18.61 -11.48 6.53
N GLY B 179 17.75 -11.75 5.55
CA GLY B 179 18.07 -11.38 4.19
C GLY B 179 18.32 -9.90 3.94
N THR B 180 17.46 -9.03 4.45
CA THR B 180 17.62 -7.59 4.23
C THR B 180 18.97 -7.12 4.72
N LEU B 181 19.31 -7.48 5.96
CA LEU B 181 20.57 -7.07 6.57
C LEU B 181 21.79 -7.64 5.84
N THR B 182 21.77 -8.93 5.55
CA THR B 182 22.89 -9.58 4.88
C THR B 182 23.19 -9.04 3.49
N GLY B 183 22.13 -8.90 2.66
CA GLY B 183 22.30 -8.41 1.31
C GLY B 183 22.72 -6.95 1.20
N VAL B 184 22.08 -6.07 1.98
CA VAL B 184 22.41 -4.67 1.93
C VAL B 184 23.84 -4.45 2.42
N THR B 185 24.22 -5.15 3.48
CA THR B 185 25.57 -5.01 4.01
C THR B 185 26.63 -5.51 3.04
N ARG B 186 26.35 -6.63 2.36
CA ARG B 186 27.32 -7.16 1.40
C ARG B 186 27.58 -6.17 0.30
N TYR B 187 26.54 -5.46 -0.11
CA TYR B 187 26.69 -4.47 -1.15
C TYR B 187 27.51 -3.26 -0.69
N ILE B 188 27.14 -2.68 0.43
CA ILE B 188 27.82 -1.49 0.95
C ILE B 188 29.24 -1.71 1.50
N LYS B 189 29.42 -2.67 2.40
CA LYS B 189 30.77 -2.92 2.94
C LYS B 189 31.67 -3.69 1.95
N GLY B 190 31.06 -4.64 1.23
CA GLY B 190 31.78 -5.47 0.26
C GLY B 190 31.99 -4.86 -1.11
N THR B 191 30.93 -4.78 -1.89
CA THR B 191 31.03 -4.23 -3.24
C THR B 191 31.50 -2.78 -3.29
N LYS B 192 30.92 -1.93 -2.45
CA LYS B 192 31.29 -0.51 -2.40
C LYS B 192 32.50 -0.18 -1.50
N GLY B 193 32.94 -1.18 -0.73
CA GLY B 193 34.10 -1.03 0.13
C GLY B 193 34.03 -0.06 1.28
N LYS B 194 32.83 0.25 1.78
CA LYS B 194 32.69 1.17 2.91
C LYS B 194 32.73 0.37 4.21
N THR B 195 33.93 0.01 4.64
CA THR B 195 34.13 -0.81 5.83
C THR B 195 33.76 -0.16 7.16
N ASP B 196 33.68 1.16 7.20
CA ASP B 196 33.32 1.82 8.44
C ASP B 196 31.83 2.02 8.71
N LEU B 197 30.99 1.41 7.88
CA LEU B 197 29.54 1.46 8.06
C LEU B 197 29.23 0.68 9.35
N ILE B 198 28.26 1.17 10.12
CA ILE B 198 27.86 0.46 11.31
C ILE B 198 26.52 -0.22 11.00
N THR B 199 26.53 -1.55 11.07
CA THR B 199 25.36 -2.36 10.80
C THR B 199 24.76 -2.77 12.12
N VAL B 200 23.50 -2.38 12.34
CA VAL B 200 22.80 -2.65 13.58
C VAL B 200 21.65 -3.64 13.42
N ALA B 201 21.67 -4.72 14.18
CA ALA B 201 20.61 -5.72 14.14
C ALA B 201 19.62 -5.44 15.28
N VAL B 202 18.33 -5.37 14.99
CA VAL B 202 17.30 -5.13 16.01
C VAL B 202 16.55 -6.42 16.28
N GLU B 203 16.29 -6.74 17.55
CA GLU B 203 15.53 -7.95 17.92
C GLU B 203 14.67 -7.68 19.16
N PRO B 204 13.76 -8.60 19.52
CA PRO B 204 12.99 -8.25 20.72
C PRO B 204 13.70 -8.62 22.01
N THR B 205 13.49 -7.82 23.06
CA THR B 205 14.11 -8.07 24.35
C THR B 205 13.67 -9.41 24.90
N ASP B 206 12.42 -9.80 24.62
CA ASP B 206 11.91 -11.06 25.12
C ASP B 206 12.35 -12.32 24.35
N SER B 207 13.18 -12.14 23.32
CA SER B 207 13.70 -13.27 22.52
C SER B 207 14.99 -12.77 21.86
N PRO B 208 16.01 -12.46 22.68
CA PRO B 208 17.34 -11.95 22.31
C PRO B 208 18.37 -12.97 21.84
N VAL B 209 17.93 -13.79 20.89
CA VAL B 209 18.73 -14.85 20.31
C VAL B 209 20.04 -14.41 19.61
N ILE B 210 20.04 -13.28 18.90
CA ILE B 210 21.25 -12.81 18.24
C ILE B 210 22.28 -12.40 19.28
N ALA B 211 21.85 -11.63 20.29
CA ALA B 211 22.74 -11.18 21.35
C ALA B 211 23.34 -12.36 22.12
N GLN B 212 22.54 -13.40 22.40
CA GLN B 212 23.04 -14.59 23.10
C GLN B 212 24.09 -15.27 22.21
N ALA B 213 23.74 -15.50 20.94
CA ALA B 213 24.66 -16.13 20.00
C ALA B 213 25.98 -15.38 19.94
N LEU B 214 25.93 -14.07 19.74
CA LEU B 214 27.16 -13.29 19.66
C LEU B 214 27.98 -13.24 20.95
N ALA B 215 27.38 -13.65 22.06
CA ALA B 215 28.05 -13.67 23.36
C ALA B 215 28.44 -15.11 23.71
N GLY B 216 28.31 -16.02 22.77
CA GLY B 216 28.67 -17.40 23.02
C GLY B 216 27.77 -18.17 23.96
N GLU B 217 26.72 -17.51 24.47
CA GLU B 217 25.78 -18.14 25.39
C GLU B 217 24.79 -19.07 24.73
N GLU B 218 24.08 -19.80 25.57
CA GLU B 218 23.09 -20.76 25.10
C GLU B 218 21.88 -19.98 24.56
N ILE B 219 21.37 -20.41 23.41
CA ILE B 219 20.22 -19.78 22.75
C ILE B 219 18.92 -20.14 23.48
N LYS B 220 18.25 -19.14 24.06
CA LYS B 220 17.00 -19.33 24.80
C LYS B 220 15.97 -18.30 24.33
N PRO B 221 15.08 -18.69 23.40
CA PRO B 221 14.05 -17.80 22.86
C PRO B 221 12.78 -17.72 23.70
N GLY B 222 11.94 -16.74 23.39
CA GLY B 222 10.69 -16.57 24.11
C GLY B 222 9.65 -15.86 23.27
N PRO B 223 8.39 -15.80 23.71
CA PRO B 223 7.31 -15.14 22.96
C PRO B 223 7.43 -13.61 22.98
N HIS B 224 6.92 -12.95 21.95
CA HIS B 224 6.95 -11.50 21.84
C HIS B 224 5.87 -11.04 20.85
N LYS B 225 5.64 -9.74 20.78
CA LYS B 225 4.60 -9.19 19.90
C LYS B 225 5.06 -8.41 18.67
N ILE B 226 6.35 -8.44 18.38
CA ILE B 226 6.84 -7.70 17.21
C ILE B 226 6.77 -8.58 15.97
N GLN B 227 5.57 -8.63 15.37
CA GLN B 227 5.30 -9.45 14.17
C GLN B 227 6.25 -9.20 13.02
N GLY B 228 6.89 -10.27 12.55
CA GLY B 228 7.80 -10.16 11.43
C GLY B 228 9.26 -10.41 11.75
N ILE B 229 9.69 -10.06 12.97
CA ILE B 229 11.08 -10.26 13.35
C ILE B 229 11.15 -11.24 14.52
N GLY B 230 12.35 -11.72 14.83
CA GLY B 230 12.52 -12.62 15.95
C GLY B 230 11.94 -14.00 15.78
N ALA B 231 12.57 -14.79 14.91
CA ALA B 231 12.13 -16.15 14.62
C ALA B 231 12.44 -17.18 15.72
N GLY B 232 13.35 -16.84 16.63
CA GLY B 232 13.73 -17.75 17.70
C GLY B 232 14.95 -18.63 17.44
N PHE B 233 15.66 -18.39 16.34
CA PHE B 233 16.87 -19.16 16.00
C PHE B 233 17.71 -18.31 15.07
N ILE B 234 18.92 -18.75 14.76
CA ILE B 234 19.81 -18.03 13.85
C ILE B 234 19.55 -18.54 12.43
N PRO B 235 18.88 -17.73 11.56
CA PRO B 235 18.57 -18.14 10.19
C PRO B 235 19.82 -18.30 9.33
N GLY B 236 19.77 -19.21 8.36
CA GLY B 236 20.90 -19.42 7.47
C GLY B 236 21.22 -18.20 6.63
N ASN B 237 20.23 -17.34 6.42
CA ASN B 237 20.41 -16.13 5.62
C ASN B 237 20.97 -14.90 6.40
N LEU B 238 21.22 -15.09 7.69
CA LEU B 238 21.78 -14.05 8.55
C LEU B 238 23.27 -14.33 8.73
N ASP B 239 24.13 -13.47 8.19
CA ASP B 239 25.59 -13.66 8.34
C ASP B 239 26.03 -12.93 9.61
N LEU B 240 26.14 -13.67 10.71
CA LEU B 240 26.53 -13.13 12.01
C LEU B 240 27.80 -12.28 12.00
N LYS B 241 28.71 -12.54 11.07
CA LYS B 241 29.96 -11.80 10.98
C LYS B 241 29.85 -10.38 10.47
N LEU B 242 28.67 -10.00 9.97
CA LEU B 242 28.46 -8.67 9.41
C LEU B 242 27.87 -7.64 10.40
N ILE B 243 27.40 -8.13 11.55
CA ILE B 243 26.75 -7.29 12.56
C ILE B 243 27.70 -6.56 13.51
N ASP B 244 27.56 -5.24 13.58
CA ASP B 244 28.42 -4.44 14.45
C ASP B 244 27.81 -4.16 15.83
N LYS B 245 26.48 -4.09 15.90
CA LYS B 245 25.79 -3.80 17.15
C LYS B 245 24.43 -4.47 17.15
N VAL B 246 23.97 -4.88 18.32
CA VAL B 246 22.65 -5.50 18.50
C VAL B 246 21.84 -4.68 19.51
N VAL B 247 20.62 -4.27 19.15
CA VAL B 247 19.75 -3.48 20.05
C VAL B 247 18.44 -4.24 20.28
N GLY B 248 18.12 -4.55 21.54
CA GLY B 248 16.88 -5.26 21.88
C GLY B 248 15.79 -4.22 22.14
N ILE B 249 14.57 -4.48 21.67
CA ILE B 249 13.46 -3.53 21.84
C ILE B 249 12.29 -4.26 22.51
N THR B 250 11.60 -3.55 23.39
CA THR B 250 10.45 -4.12 24.10
C THR B 250 9.18 -3.94 23.27
N ASN B 251 8.17 -4.74 23.59
CA ASN B 251 6.88 -4.68 22.91
C ASN B 251 6.34 -3.25 22.97
N GLU B 252 6.40 -2.66 24.15
CA GLU B 252 5.88 -1.30 24.37
C GLU B 252 6.63 -0.22 23.57
N GLU B 253 7.96 -0.31 23.53
CA GLU B 253 8.74 0.68 22.76
C GLU B 253 8.40 0.60 21.27
N ALA B 254 8.21 -0.62 20.77
CA ALA B 254 7.87 -0.84 19.37
C ALA B 254 6.51 -0.22 19.06
N ILE B 255 5.49 -0.59 19.84
CA ILE B 255 4.14 -0.09 19.64
C ILE B 255 4.00 1.42 19.68
N SER B 256 4.63 2.04 20.65
CA SER B 256 4.50 3.48 20.75
C SER B 256 5.29 4.27 19.72
N THR B 257 6.44 3.75 19.32
CA THR B 257 7.22 4.47 18.33
C THR B 257 6.49 4.37 16.98
N ALA B 258 5.77 3.27 16.77
CA ALA B 258 4.97 3.08 15.55
C ALA B 258 3.88 4.16 15.49
N ARG B 259 3.19 4.37 16.62
CA ARG B 259 2.15 5.42 16.71
C ARG B 259 2.71 6.78 16.38
N ARG B 260 3.93 7.05 16.85
CA ARG B 260 4.59 8.32 16.61
C ARG B 260 4.84 8.52 15.14
N LEU B 261 5.26 7.46 14.45
CA LEU B 261 5.50 7.53 13.01
C LEU B 261 4.24 7.99 12.28
N MET B 262 3.10 7.41 12.66
CA MET B 262 1.83 7.77 12.05
C MET B 262 1.34 9.16 12.40
N GLU B 263 1.30 9.47 13.69
CA GLU B 263 0.81 10.79 14.16
C GLU B 263 1.72 11.99 13.94
N GLU B 264 3.02 11.78 14.02
CA GLU B 264 3.97 12.87 13.86
C GLU B 264 4.60 13.02 12.50
N GLU B 265 4.69 11.92 11.74
CA GLU B 265 5.32 11.94 10.41
C GLU B 265 4.36 11.60 9.24
N GLY B 266 3.20 11.04 9.54
CA GLY B 266 2.28 10.71 8.46
C GLY B 266 2.74 9.53 7.62
N ILE B 267 3.41 8.57 8.25
CA ILE B 267 3.91 7.39 7.58
C ILE B 267 3.25 6.16 8.21
N LEU B 268 2.27 5.58 7.51
CA LEU B 268 1.59 4.39 8.00
C LEU B 268 2.64 3.31 8.31
N ALA B 269 2.66 2.81 9.55
CA ALA B 269 3.68 1.86 9.96
C ALA B 269 3.24 0.68 10.83
N GLY B 270 3.88 -0.47 10.62
CA GLY B 270 3.57 -1.66 11.38
C GLY B 270 4.43 -1.76 12.64
N ILE B 271 4.20 -2.80 13.43
CA ILE B 271 4.93 -2.99 14.69
C ILE B 271 6.46 -3.01 14.53
N SER B 272 6.96 -3.80 13.58
CA SER B 272 8.41 -3.87 13.38
C SER B 272 9.04 -2.57 12.85
N SER B 273 8.24 -1.66 12.31
CA SER B 273 8.78 -0.37 11.83
C SER B 273 9.06 0.49 13.07
N GLY B 274 8.19 0.35 14.07
CA GLY B 274 8.36 1.09 15.31
C GLY B 274 9.63 0.64 16.04
N ALA B 275 9.84 -0.68 16.08
CA ALA B 275 11.01 -1.29 16.72
C ALA B 275 12.32 -0.79 16.09
N ALA B 276 12.37 -0.72 14.77
CA ALA B 276 13.59 -0.24 14.10
C ALA B 276 13.85 1.22 14.40
N VAL B 277 12.79 2.05 14.38
CA VAL B 277 12.96 3.47 14.67
C VAL B 277 13.37 3.74 16.13
N ALA B 278 12.88 2.88 17.05
CA ALA B 278 13.19 2.99 18.48
C ALA B 278 14.69 2.74 18.68
N ALA B 279 15.24 1.78 17.94
CA ALA B 279 16.65 1.46 18.01
C ALA B 279 17.47 2.69 17.60
N ALA B 280 17.01 3.43 16.59
CA ALA B 280 17.71 4.63 16.14
C ALA B 280 17.73 5.71 17.24
N LEU B 281 16.62 5.86 17.97
CA LEU B 281 16.53 6.84 19.06
C LEU B 281 17.50 6.53 20.19
N LYS B 282 17.57 5.25 20.55
CA LYS B 282 18.49 4.80 21.58
C LYS B 282 19.94 5.09 21.22
N LEU B 283 20.33 4.84 19.98
CA LEU B 283 21.72 5.10 19.59
C LEU B 283 22.02 6.59 19.65
N GLN B 284 21.01 7.41 19.40
CA GLN B 284 21.22 8.86 19.40
C GLN B 284 21.43 9.47 20.78
N GLU B 285 21.26 8.65 21.81
CA GLU B 285 21.50 9.05 23.20
C GLU B 285 23.02 9.01 23.45
N ASP B 286 23.76 8.32 22.59
CA ASP B 286 25.20 8.21 22.69
C ASP B 286 25.79 9.35 21.84
N GLU B 287 26.76 10.06 22.41
CA GLU B 287 27.42 11.18 21.76
C GLU B 287 28.08 10.85 20.42
N SER B 288 28.62 9.64 20.29
CA SER B 288 29.32 9.24 19.05
C SER B 288 28.42 9.17 17.81
N PHE B 289 27.12 9.02 18.02
CA PHE B 289 26.14 8.93 16.94
C PHE B 289 25.44 10.23 16.58
N THR B 290 25.76 11.30 17.28
CA THR B 290 25.12 12.59 17.06
C THR B 290 25.18 13.17 15.64
N ASN B 291 26.30 12.98 14.94
CA ASN B 291 26.43 13.54 13.60
C ASN B 291 26.47 12.52 12.46
N LYS B 292 25.94 11.34 12.73
CA LYS B 292 25.90 10.27 11.74
C LYS B 292 24.53 10.15 11.01
N ASN B 293 24.56 9.82 9.71
CA ASN B 293 23.33 9.61 8.91
C ASN B 293 22.86 8.17 9.12
N ILE B 294 21.65 8.02 9.65
CA ILE B 294 21.11 6.70 9.95
C ILE B 294 19.97 6.27 9.00
N VAL B 295 20.15 5.15 8.30
CA VAL B 295 19.11 4.64 7.39
C VAL B 295 18.38 3.47 8.08
N VAL B 296 17.07 3.57 8.16
CA VAL B 296 16.25 2.55 8.83
C VAL B 296 15.26 1.94 7.82
N ILE B 297 15.09 0.62 7.88
CA ILE B 297 14.16 -0.10 7.00
C ILE B 297 12.78 -0.15 7.66
N LEU B 298 11.73 0.34 6.99
CA LEU B 298 10.37 0.28 7.54
C LEU B 298 9.68 -0.82 6.72
N PRO B 299 9.59 -2.03 7.28
CA PRO B 299 8.99 -3.22 6.65
C PRO B 299 7.56 -3.25 6.11
N SER B 300 6.60 -2.72 6.85
CA SER B 300 5.22 -2.80 6.43
C SER B 300 4.42 -1.62 6.93
N SER B 301 3.16 -1.59 6.51
CA SER B 301 2.20 -0.54 6.80
C SER B 301 1.26 -0.96 7.94
N GLY B 302 0.77 0.03 8.69
CA GLY B 302 -0.12 -0.24 9.81
C GLY B 302 -1.49 -0.79 9.43
N GLU B 303 -1.90 -0.56 8.18
CA GLU B 303 -3.19 -1.02 7.67
C GLU B 303 -3.35 -2.55 7.77
N ARG B 304 -2.22 -3.27 7.80
CA ARG B 304 -2.20 -4.73 7.88
C ARG B 304 -2.22 -5.19 9.34
N TYR B 305 -2.41 -4.24 10.26
CA TYR B 305 -2.40 -4.55 11.70
C TYR B 305 -3.55 -3.87 12.45
N LEU B 306 -4.62 -3.55 11.76
CA LEU B 306 -5.75 -2.88 12.39
C LEU B 306 -6.42 -3.68 13.51
N SER B 307 -6.23 -4.98 13.53
CA SER B 307 -6.85 -5.80 14.58
C SER B 307 -5.89 -6.20 15.70
N THR B 308 -4.70 -5.62 15.72
CA THR B 308 -3.69 -5.98 16.71
C THR B 308 -3.52 -5.02 17.88
N ALA B 309 -2.59 -5.37 18.76
CA ALA B 309 -2.26 -4.57 19.93
C ALA B 309 -1.82 -3.15 19.55
N LEU B 310 -1.32 -2.96 18.33
CA LEU B 310 -0.86 -1.65 17.85
C LEU B 310 -1.90 -0.55 18.09
N PHE B 311 -3.18 -0.92 17.98
CA PHE B 311 -4.25 0.05 18.17
C PHE B 311 -5.26 -0.34 19.26
N ALA B 312 -5.07 -1.46 19.95
CA ALA B 312 -6.02 -1.92 20.99
C ALA B 312 -6.36 -0.84 22.01
N ASP B 313 -5.41 0.07 22.14
CA ASP B 313 -5.48 1.21 23.02
C ASP B 313 -6.38 2.33 22.45
N LEU B 314 -6.22 2.60 21.16
CA LEU B 314 -6.89 3.66 20.42
C LEU B 314 -8.36 3.59 19.97
N PHE B 315 -8.81 2.43 19.51
CA PHE B 315 -10.17 2.31 18.97
C PHE B 315 -11.35 2.25 19.94
N THR B 316 -12.35 3.07 19.65
CA THR B 316 -13.58 3.19 20.44
C THR B 316 -14.77 2.55 19.69
N GLU B 317 -16.01 2.92 20.07
CA GLU B 317 -17.24 2.40 19.42
C GLU B 317 -17.38 2.84 17.95
N LYS B 318 -16.94 4.07 17.68
CA LYS B 318 -16.99 4.71 16.37
C LYS B 318 -16.18 4.05 15.23
N GLU B 319 -15.11 3.33 15.57
CA GLU B 319 -14.27 2.67 14.56
C GLU B 319 -14.47 1.16 14.40
N LEU B 320 -15.04 0.53 15.43
CA LEU B 320 -15.27 -0.92 15.45
C LEU B 320 -16.61 -1.44 14.93
N GLN B 321 -17.69 -0.70 15.17
CA GLN B 321 -19.01 -1.12 14.71
C GLN B 321 -19.52 -0.19 13.60
N GLN B 322 -20.16 -0.78 12.59
CA GLN B 322 -20.69 -0.04 11.45
C GLN B 322 -21.84 0.87 11.87
N MET C . -12.51 9.44 -3.78
CA MET C . -12.89 10.76 -3.17
C MET C . -12.98 10.67 -1.62
O MET C . -13.63 11.54 -1.00
CB MET C . -14.21 11.27 -3.77
CG MET C . -15.43 10.44 -3.37
SD MET C . -16.94 10.88 -4.25
CE MET C . -18.01 9.50 -3.78
OXT MET C . -12.40 9.73 -1.01
N1 PLP D . -12.35 5.36 -6.73
C2 PLP D . -12.12 5.54 -5.39
C2A PLP D . -11.98 4.34 -4.47
C3 PLP D . -12.07 6.79 -4.86
O3 PLP D . -11.78 6.95 -3.53
C4 PLP D . -12.29 7.90 -5.67
C4A PLP D . -12.37 9.31 -5.06
C5 PLP D . -12.53 7.72 -7.01
C6 PLP D . -12.54 6.47 -7.54
C5A PLP D . -12.90 8.89 -7.88
O4P PLP D . -11.77 9.63 -8.35
P PLP D . -11.98 11.16 -8.72
O1P PLP D . -10.78 11.70 -9.40
O2P PLP D . -13.17 11.06 -9.80
O3P PLP D . -12.52 11.84 -7.52
N1 PLP E . 9.42 -6.81 9.39
C2 PLP E . 8.33 -7.48 8.88
C2A PLP E . 6.92 -6.94 9.18
C3 PLP E . 8.50 -8.66 8.20
O3 PLP E . 7.41 -9.29 7.65
C4 PLP E . 9.77 -9.19 8.03
C4A PLP E . 9.97 -10.54 7.30
C5 PLP E . 10.87 -8.51 8.56
C6 PLP E . 10.69 -7.33 9.22
C5A PLP E . 12.26 -9.15 8.55
O4P PLP E . 12.91 -9.00 7.30
P PLP E . 14.04 -10.09 6.84
O1P PLP E . 14.72 -9.57 5.62
O2P PLP E . 15.11 -10.05 8.04
O3P PLP E . 13.42 -11.43 6.85
N MET F . 8.94 -11.30 7.08
CA MET F . 9.10 -12.76 6.76
C MET F . 7.72 -13.45 6.67
O MET F . 7.63 -14.70 6.77
CB MET F . 10.00 -13.46 7.81
CG MET F . 9.31 -13.75 9.12
SD MET F . 10.43 -14.44 10.34
CE MET F . 9.49 -14.24 11.85
OXT MET F . 6.71 -12.74 6.45
#